data_4DJG
# 
_entry.id   4DJG 
# 
_audit_conform.dict_name       mmcif_pdbx.dic 
_audit_conform.dict_version    5.388 
_audit_conform.dict_location   http://mmcif.pdb.org/dictionaries/ascii/mmcif_pdbx.dic 
# 
loop_
_database_2.database_id 
_database_2.database_code 
_database_2.pdbx_database_accession 
_database_2.pdbx_DOI 
PDB   4DJG         pdb_00004djg 10.2210/pdb4djg/pdb 
RCSB  RCSB070405   ?            ?                   
WWPDB D_1000070405 ?            ?                   
# 
loop_
_pdbx_audit_revision_history.ordinal 
_pdbx_audit_revision_history.data_content_type 
_pdbx_audit_revision_history.major_revision 
_pdbx_audit_revision_history.minor_revision 
_pdbx_audit_revision_history.revision_date 
1 'Structure model' 1 0 2012-02-29 
2 'Structure model' 1 1 2013-07-17 
3 'Structure model' 1 2 2024-03-20 
# 
_pdbx_audit_revision_details.ordinal             1 
_pdbx_audit_revision_details.revision_ordinal    1 
_pdbx_audit_revision_details.data_content_type   'Structure model' 
_pdbx_audit_revision_details.provider            repository 
_pdbx_audit_revision_details.type                'Initial release' 
_pdbx_audit_revision_details.description         ? 
_pdbx_audit_revision_details.details             ? 
# 
loop_
_pdbx_audit_revision_group.ordinal 
_pdbx_audit_revision_group.revision_ordinal 
_pdbx_audit_revision_group.data_content_type 
_pdbx_audit_revision_group.group 
1 2 'Structure model' 'Database references' 
2 3 'Structure model' 'Data collection'     
3 3 'Structure model' 'Database references' 
# 
loop_
_pdbx_audit_revision_category.ordinal 
_pdbx_audit_revision_category.revision_ordinal 
_pdbx_audit_revision_category.data_content_type 
_pdbx_audit_revision_category.category 
1 3 'Structure model' chem_comp_atom 
2 3 'Structure model' chem_comp_bond 
3 3 'Structure model' database_2     
# 
loop_
_pdbx_audit_revision_item.ordinal 
_pdbx_audit_revision_item.revision_ordinal 
_pdbx_audit_revision_item.data_content_type 
_pdbx_audit_revision_item.item 
1 3 'Structure model' '_database_2.pdbx_DOI'                
2 3 'Structure model' '_database_2.pdbx_database_accession' 
# 
_pdbx_database_status.entry_id                        4DJG 
_pdbx_database_status.status_code                     REL 
_pdbx_database_status.methods_development_category    ? 
_pdbx_database_status.deposit_site                    RCSB 
_pdbx_database_status.process_site                    PDBJ 
_pdbx_database_status.recvd_initial_deposition_date   2012-02-01 
_pdbx_database_status.status_code_sf                  REL 
_pdbx_database_status.status_code_mr                  ? 
_pdbx_database_status.SG_entry                        ? 
_pdbx_database_status.status_code_cs                  ? 
_pdbx_database_status.pdb_format_compatible           Y 
_pdbx_database_status.status_code_nmr_data            ? 
# 
_pdbx_database_related.db_name        PDB 
_pdbx_database_related.db_id          4DIX 
_pdbx_database_related.details        . 
_pdbx_database_related.content_type   unspecified 
# 
loop_
_audit_author.name 
_audit_author.pdbx_ordinal 
'Zhang, W.' 1 
'Ye, K.'    2 
# 
_citation.id                        primary 
_citation.title                     
'Plant actin-binding protein SCAB1 is dimeric actin cross-linker with atypical pleckstrin homology domain' 
_citation.journal_abbrev            J.Biol.Chem. 
_citation.journal_volume            287 
_citation.page_first                11981 
_citation.page_last                 11990 
_citation.year                      2012 
_citation.journal_id_ASTM           JBCHA3 
_citation.country                   US 
_citation.journal_id_ISSN           0021-9258 
_citation.journal_id_CSD            0071 
_citation.book_publisher            ? 
_citation.pdbx_database_id_PubMed   22356912 
_citation.pdbx_database_id_DOI      10.1074/jbc.M111.338525 
# 
loop_
_citation_author.citation_id 
_citation_author.name 
_citation_author.ordinal 
_citation_author.identifier_ORCID 
primary 'Zhang, W.' 1 ? 
primary 'Zhao, Y.'  2 ? 
primary 'Guo, Y.'   3 ? 
primary 'Ye, K.'    4 ? 
# 
loop_
_entity.id 
_entity.type 
_entity.src_method 
_entity.pdbx_description 
_entity.formula_weight 
_entity.pdbx_number_of_molecules 
_entity.pdbx_ec 
_entity.pdbx_mutation 
_entity.pdbx_fragment 
_entity.details 
1 polymer man 'Plectin-related protein' 5768.602 2  ? ? 'Coiled-coil 1 domain, UNP RESIDUES 100-151' ? 
2 water   nat water                     18.015   56 ? ? ?                                            ? 
# 
_entity_name_com.entity_id   1 
_entity_name_com.name        'Putative uncharacterized protein At2g26770' 
# 
_entity_poly.entity_id                      1 
_entity_poly.type                           'polypeptide(L)' 
_entity_poly.nstd_linkage                   no 
_entity_poly.nstd_monomer                   no 
_entity_poly.pdbx_seq_one_letter_code       ATSLEKHVLLKKLRDALESLRGRVAGRNKDDVEEAIAMVEALAVQLTQREGE 
_entity_poly.pdbx_seq_one_letter_code_can   ATSLEKHVLLKKLRDALESLRGRVAGRNKDDVEEAIAMVEALAVQLTQREGE 
_entity_poly.pdbx_strand_id                 A,B 
_entity_poly.pdbx_target_identifier         ? 
# 
_pdbx_entity_nonpoly.entity_id   2 
_pdbx_entity_nonpoly.name        water 
_pdbx_entity_nonpoly.comp_id     HOH 
# 
loop_
_entity_poly_seq.entity_id 
_entity_poly_seq.num 
_entity_poly_seq.mon_id 
_entity_poly_seq.hetero 
1 1  ALA n 
1 2  THR n 
1 3  SER n 
1 4  LEU n 
1 5  GLU n 
1 6  LYS n 
1 7  HIS n 
1 8  VAL n 
1 9  LEU n 
1 10 LEU n 
1 11 LYS n 
1 12 LYS n 
1 13 LEU n 
1 14 ARG n 
1 15 ASP n 
1 16 ALA n 
1 17 LEU n 
1 18 GLU n 
1 19 SER n 
1 20 LEU n 
1 21 ARG n 
1 22 GLY n 
1 23 ARG n 
1 24 VAL n 
1 25 ALA n 
1 26 GLY n 
1 27 ARG n 
1 28 ASN n 
1 29 LYS n 
1 30 ASP n 
1 31 ASP n 
1 32 VAL n 
1 33 GLU n 
1 34 GLU n 
1 35 ALA n 
1 36 ILE n 
1 37 ALA n 
1 38 MET n 
1 39 VAL n 
1 40 GLU n 
1 41 ALA n 
1 42 LEU n 
1 43 ALA n 
1 44 VAL n 
1 45 GLN n 
1 46 LEU n 
1 47 THR n 
1 48 GLN n 
1 49 ARG n 
1 50 GLU n 
1 51 GLY n 
1 52 GLU n 
# 
_entity_src_gen.entity_id                          1 
_entity_src_gen.pdbx_src_id                        1 
_entity_src_gen.pdbx_alt_source_flag               sample 
_entity_src_gen.pdbx_seq_type                      ? 
_entity_src_gen.pdbx_beg_seq_num                   ? 
_entity_src_gen.pdbx_end_seq_num                   ? 
_entity_src_gen.gene_src_common_name               'mouse-ear cress,thale-cress' 
_entity_src_gen.gene_src_genus                     ? 
_entity_src_gen.pdbx_gene_src_gene                 'At2g26770, AT2G26770' 
_entity_src_gen.gene_src_species                   ? 
_entity_src_gen.gene_src_strain                    ? 
_entity_src_gen.gene_src_tissue                    ? 
_entity_src_gen.gene_src_tissue_fraction           ? 
_entity_src_gen.gene_src_details                   ? 
_entity_src_gen.pdbx_gene_src_fragment             ? 
_entity_src_gen.pdbx_gene_src_scientific_name      'Arabidopsis thaliana' 
_entity_src_gen.pdbx_gene_src_ncbi_taxonomy_id     3702 
_entity_src_gen.pdbx_gene_src_variant              ? 
_entity_src_gen.pdbx_gene_src_cell_line            ? 
_entity_src_gen.pdbx_gene_src_atcc                 ? 
_entity_src_gen.pdbx_gene_src_organ                ? 
_entity_src_gen.pdbx_gene_src_organelle            ? 
_entity_src_gen.pdbx_gene_src_cell                 ? 
_entity_src_gen.pdbx_gene_src_cellular_location    ? 
_entity_src_gen.host_org_common_name               ? 
_entity_src_gen.pdbx_host_org_scientific_name      'Escherichia coli' 
_entity_src_gen.pdbx_host_org_ncbi_taxonomy_id     562 
_entity_src_gen.host_org_genus                     ? 
_entity_src_gen.pdbx_host_org_gene                 ? 
_entity_src_gen.pdbx_host_org_organ                ? 
_entity_src_gen.host_org_species                   ? 
_entity_src_gen.pdbx_host_org_tissue               ? 
_entity_src_gen.pdbx_host_org_tissue_fraction      ? 
_entity_src_gen.pdbx_host_org_strain               'BL21(DE3)' 
_entity_src_gen.pdbx_host_org_variant              ? 
_entity_src_gen.pdbx_host_org_cell_line            ? 
_entity_src_gen.pdbx_host_org_atcc                 ? 
_entity_src_gen.pdbx_host_org_culture_collection   ? 
_entity_src_gen.pdbx_host_org_cell                 ? 
_entity_src_gen.pdbx_host_org_organelle            ? 
_entity_src_gen.pdbx_host_org_cellular_location    ? 
_entity_src_gen.pdbx_host_org_vector_type          plasmid 
_entity_src_gen.pdbx_host_org_vector               ? 
_entity_src_gen.host_org_details                   ? 
_entity_src_gen.expression_system_id               ? 
_entity_src_gen.plasmid_name                       ? 
_entity_src_gen.plasmid_details                    ? 
_entity_src_gen.pdbx_description                   ? 
# 
loop_
_chem_comp.id 
_chem_comp.type 
_chem_comp.mon_nstd_flag 
_chem_comp.name 
_chem_comp.pdbx_synonyms 
_chem_comp.formula 
_chem_comp.formula_weight 
ALA 'L-peptide linking' y ALANINE         ? 'C3 H7 N O2'     89.093  
ARG 'L-peptide linking' y ARGININE        ? 'C6 H15 N4 O2 1' 175.209 
ASN 'L-peptide linking' y ASPARAGINE      ? 'C4 H8 N2 O3'    132.118 
ASP 'L-peptide linking' y 'ASPARTIC ACID' ? 'C4 H7 N O4'     133.103 
GLN 'L-peptide linking' y GLUTAMINE       ? 'C5 H10 N2 O3'   146.144 
GLU 'L-peptide linking' y 'GLUTAMIC ACID' ? 'C5 H9 N O4'     147.129 
GLY 'peptide linking'   y GLYCINE         ? 'C2 H5 N O2'     75.067  
HIS 'L-peptide linking' y HISTIDINE       ? 'C6 H10 N3 O2 1' 156.162 
HOH non-polymer         . WATER           ? 'H2 O'           18.015  
ILE 'L-peptide linking' y ISOLEUCINE      ? 'C6 H13 N O2'    131.173 
LEU 'L-peptide linking' y LEUCINE         ? 'C6 H13 N O2'    131.173 
LYS 'L-peptide linking' y LYSINE          ? 'C6 H15 N2 O2 1' 147.195 
MET 'L-peptide linking' y METHIONINE      ? 'C5 H11 N O2 S'  149.211 
SER 'L-peptide linking' y SERINE          ? 'C3 H7 N O3'     105.093 
THR 'L-peptide linking' y THREONINE       ? 'C4 H9 N O3'     119.119 
VAL 'L-peptide linking' y VALINE          ? 'C5 H11 N O2'    117.146 
# 
loop_
_pdbx_poly_seq_scheme.asym_id 
_pdbx_poly_seq_scheme.entity_id 
_pdbx_poly_seq_scheme.seq_id 
_pdbx_poly_seq_scheme.mon_id 
_pdbx_poly_seq_scheme.ndb_seq_num 
_pdbx_poly_seq_scheme.pdb_seq_num 
_pdbx_poly_seq_scheme.auth_seq_num 
_pdbx_poly_seq_scheme.pdb_mon_id 
_pdbx_poly_seq_scheme.auth_mon_id 
_pdbx_poly_seq_scheme.pdb_strand_id 
_pdbx_poly_seq_scheme.pdb_ins_code 
_pdbx_poly_seq_scheme.hetero 
A 1 1  ALA 1  100 ?   ?   ?   A . n 
A 1 2  THR 2  101 ?   ?   ?   A . n 
A 1 3  SER 3  102 ?   ?   ?   A . n 
A 1 4  LEU 4  103 103 LEU LEU A . n 
A 1 5  GLU 5  104 104 GLU GLU A . n 
A 1 6  LYS 6  105 105 LYS LYS A . n 
A 1 7  HIS 7  106 106 HIS HIS A . n 
A 1 8  VAL 8  107 107 VAL VAL A . n 
A 1 9  LEU 9  108 108 LEU LEU A . n 
A 1 10 LEU 10 109 109 LEU LEU A . n 
A 1 11 LYS 11 110 110 LYS LYS A . n 
A 1 12 LYS 12 111 111 LYS LYS A . n 
A 1 13 LEU 13 112 112 LEU LEU A . n 
A 1 14 ARG 14 113 113 ARG ARG A . n 
A 1 15 ASP 15 114 114 ASP ASP A . n 
A 1 16 ALA 16 115 115 ALA ALA A . n 
A 1 17 LEU 17 116 116 LEU LEU A . n 
A 1 18 GLU 18 117 117 GLU GLU A . n 
A 1 19 SER 19 118 118 SER SER A . n 
A 1 20 LEU 20 119 119 LEU LEU A . n 
A 1 21 ARG 21 120 120 ARG ARG A . n 
A 1 22 GLY 22 121 121 GLY GLY A . n 
A 1 23 ARG 23 122 122 ARG ARG A . n 
A 1 24 VAL 24 123 123 VAL VAL A . n 
A 1 25 ALA 25 124 124 ALA ALA A . n 
A 1 26 GLY 26 125 125 GLY GLY A . n 
A 1 27 ARG 27 126 126 ARG ARG A . n 
A 1 28 ASN 28 127 127 ASN ASN A . n 
A 1 29 LYS 29 128 128 LYS LYS A . n 
A 1 30 ASP 30 129 129 ASP ASP A . n 
A 1 31 ASP 31 130 130 ASP ASP A . n 
A 1 32 VAL 32 131 131 VAL VAL A . n 
A 1 33 GLU 33 132 132 GLU GLU A . n 
A 1 34 GLU 34 133 133 GLU GLU A . n 
A 1 35 ALA 35 134 134 ALA ALA A . n 
A 1 36 ILE 36 135 135 ILE ILE A . n 
A 1 37 ALA 37 136 136 ALA ALA A . n 
A 1 38 MET 38 137 137 MET MET A . n 
A 1 39 VAL 39 138 138 VAL VAL A . n 
A 1 40 GLU 40 139 139 GLU GLU A . n 
A 1 41 ALA 41 140 140 ALA ALA A . n 
A 1 42 LEU 42 141 141 LEU LEU A . n 
A 1 43 ALA 43 142 142 ALA ALA A . n 
A 1 44 VAL 44 143 143 VAL VAL A . n 
A 1 45 GLN 45 144 144 GLN GLN A . n 
A 1 46 LEU 46 145 145 LEU LEU A . n 
A 1 47 THR 47 146 146 THR THR A . n 
A 1 48 GLN 48 147 147 GLN GLN A . n 
A 1 49 ARG 49 148 148 ARG ARG A . n 
A 1 50 GLU 50 149 149 GLU GLU A . n 
A 1 51 GLY 51 150 150 GLY GLY A . n 
A 1 52 GLU 52 151 151 GLU GLU A . n 
B 1 1  ALA 1  100 100 ALA ALA B . n 
B 1 2  THR 2  101 101 THR THR B . n 
B 1 3  SER 3  102 102 SER SER B . n 
B 1 4  LEU 4  103 103 LEU LEU B . n 
B 1 5  GLU 5  104 104 GLU GLU B . n 
B 1 6  LYS 6  105 105 LYS LYS B . n 
B 1 7  HIS 7  106 106 HIS HIS B . n 
B 1 8  VAL 8  107 107 VAL VAL B . n 
B 1 9  LEU 9  108 108 LEU LEU B . n 
B 1 10 LEU 10 109 109 LEU LEU B . n 
B 1 11 LYS 11 110 110 LYS LYS B . n 
B 1 12 LYS 12 111 111 LYS LYS B . n 
B 1 13 LEU 13 112 112 LEU LEU B . n 
B 1 14 ARG 14 113 113 ARG ARG B . n 
B 1 15 ASP 15 114 114 ASP ASP B . n 
B 1 16 ALA 16 115 115 ALA ALA B . n 
B 1 17 LEU 17 116 116 LEU LEU B . n 
B 1 18 GLU 18 117 117 GLU GLU B . n 
B 1 19 SER 19 118 118 SER SER B . n 
B 1 20 LEU 20 119 119 LEU LEU B . n 
B 1 21 ARG 21 120 120 ARG ARG B . n 
B 1 22 GLY 22 121 121 GLY GLY B . n 
B 1 23 ARG 23 122 122 ARG ARG B . n 
B 1 24 VAL 24 123 123 VAL VAL B . n 
B 1 25 ALA 25 124 124 ALA ALA B . n 
B 1 26 GLY 26 125 125 GLY GLY B . n 
B 1 27 ARG 27 126 126 ARG ARG B . n 
B 1 28 ASN 28 127 127 ASN ASN B . n 
B 1 29 LYS 29 128 128 LYS LYS B . n 
B 1 30 ASP 30 129 129 ASP ASP B . n 
B 1 31 ASP 31 130 130 ASP ASP B . n 
B 1 32 VAL 32 131 131 VAL VAL B . n 
B 1 33 GLU 33 132 132 GLU GLU B . n 
B 1 34 GLU 34 133 133 GLU GLU B . n 
B 1 35 ALA 35 134 134 ALA ALA B . n 
B 1 36 ILE 36 135 135 ILE ILE B . n 
B 1 37 ALA 37 136 136 ALA ALA B . n 
B 1 38 MET 38 137 137 MET MET B . n 
B 1 39 VAL 39 138 138 VAL VAL B . n 
B 1 40 GLU 40 139 139 GLU GLU B . n 
B 1 41 ALA 41 140 140 ALA ALA B . n 
B 1 42 LEU 42 141 141 LEU LEU B . n 
B 1 43 ALA 43 142 142 ALA ALA B . n 
B 1 44 VAL 44 143 143 VAL VAL B . n 
B 1 45 GLN 45 144 144 GLN GLN B . n 
B 1 46 LEU 46 145 145 LEU LEU B . n 
B 1 47 THR 47 146 146 THR THR B . n 
B 1 48 GLN 48 147 ?   ?   ?   B . n 
B 1 49 ARG 49 148 ?   ?   ?   B . n 
B 1 50 GLU 50 149 ?   ?   ?   B . n 
B 1 51 GLY 51 150 ?   ?   ?   B . n 
B 1 52 GLU 52 151 ?   ?   ?   B . n 
# 
loop_
_pdbx_nonpoly_scheme.asym_id 
_pdbx_nonpoly_scheme.entity_id 
_pdbx_nonpoly_scheme.mon_id 
_pdbx_nonpoly_scheme.ndb_seq_num 
_pdbx_nonpoly_scheme.pdb_seq_num 
_pdbx_nonpoly_scheme.auth_seq_num 
_pdbx_nonpoly_scheme.pdb_mon_id 
_pdbx_nonpoly_scheme.auth_mon_id 
_pdbx_nonpoly_scheme.pdb_strand_id 
_pdbx_nonpoly_scheme.pdb_ins_code 
C 2 HOH 1  201 1  HOH HOH A . 
C 2 HOH 2  202 2  HOH HOH A . 
C 2 HOH 3  203 4  HOH HOH A . 
C 2 HOH 4  204 7  HOH HOH A . 
C 2 HOH 5  205 8  HOH HOH A . 
C 2 HOH 6  206 9  HOH HOH A . 
C 2 HOH 7  207 10 HOH HOH A . 
C 2 HOH 8  208 12 HOH HOH A . 
C 2 HOH 9  209 13 HOH HOH A . 
C 2 HOH 10 210 14 HOH HOH A . 
C 2 HOH 11 211 17 HOH HOH A . 
C 2 HOH 12 212 19 HOH HOH A . 
C 2 HOH 13 213 23 HOH HOH A . 
C 2 HOH 14 214 24 HOH HOH A . 
C 2 HOH 15 215 25 HOH HOH A . 
C 2 HOH 16 216 26 HOH HOH A . 
C 2 HOH 17 217 28 HOH HOH A . 
C 2 HOH 18 218 31 HOH HOH A . 
C 2 HOH 19 219 34 HOH HOH A . 
C 2 HOH 20 220 39 HOH HOH A . 
C 2 HOH 21 221 40 HOH HOH A . 
C 2 HOH 22 222 41 HOH HOH A . 
C 2 HOH 23 223 42 HOH HOH A . 
C 2 HOH 24 224 47 HOH HOH A . 
C 2 HOH 25 225 48 HOH HOH A . 
C 2 HOH 26 226 49 HOH HOH A . 
C 2 HOH 27 227 52 HOH HOH A . 
C 2 HOH 28 228 54 HOH HOH A . 
C 2 HOH 29 229 56 HOH HOH A . 
D 2 HOH 1  201 3  HOH HOH B . 
D 2 HOH 2  202 5  HOH HOH B . 
D 2 HOH 3  203 6  HOH HOH B . 
D 2 HOH 4  204 11 HOH HOH B . 
D 2 HOH 5  205 15 HOH HOH B . 
D 2 HOH 6  206 16 HOH HOH B . 
D 2 HOH 7  207 18 HOH HOH B . 
D 2 HOH 8  208 20 HOH HOH B . 
D 2 HOH 9  209 21 HOH HOH B . 
D 2 HOH 10 210 22 HOH HOH B . 
D 2 HOH 11 211 27 HOH HOH B . 
D 2 HOH 12 212 29 HOH HOH B . 
D 2 HOH 13 213 30 HOH HOH B . 
D 2 HOH 14 214 32 HOH HOH B . 
D 2 HOH 15 215 33 HOH HOH B . 
D 2 HOH 16 216 35 HOH HOH B . 
D 2 HOH 17 217 36 HOH HOH B . 
D 2 HOH 18 218 37 HOH HOH B . 
D 2 HOH 19 219 38 HOH HOH B . 
D 2 HOH 20 220 43 HOH HOH B . 
D 2 HOH 21 221 44 HOH HOH B . 
D 2 HOH 22 222 45 HOH HOH B . 
D 2 HOH 23 223 46 HOH HOH B . 
D 2 HOH 24 224 50 HOH HOH B . 
D 2 HOH 25 225 51 HOH HOH B . 
D 2 HOH 26 226 53 HOH HOH B . 
D 2 HOH 27 227 55 HOH HOH B . 
# 
loop_
_software.pdbx_ordinal 
_software.name 
_software.version 
_software.date 
_software.type 
_software.contact_author 
_software.contact_author_email 
_software.classification 
_software.location 
_software.language 
_software.citation_id 
1 SCALEPACK    .        ?               program 'Zbyszek Otwinowski' hkl@hkl-xray.com         'data scaling'    
http://www.hkl-xray.com/                     ?          ? 
2 REFMAC       5.6.0117 ?               program 'Garib N. Murshudov' garib@ysbl.york.ac.uk    refinement        
http://www.ccp4.ac.uk/dist/html/refmac5.html Fortran_77 ? 
3 PDB_EXTRACT  3.10     'June 10, 2010' package PDB                  deposit@deposit.rcsb.org 'data extraction' 
http://sw-tools.pdb.org/apps/PDB_EXTRACT/    C++        ? 
4 CrystalClear .        ?               ?       ?                    ?                        'data collection' ? ?          ? 
5 DENZO        .        ?               ?       ?                    ?                        'data reduction'  ? ?          ? 
6 SHARP        .        ?               ?       ?                    ?                        phasing           ? ?          ? 
# 
_cell.length_a           48.185 
_cell.length_b           48.185 
_cell.length_c           77.919 
_cell.angle_alpha        90.000 
_cell.angle_beta         90.000 
_cell.angle_gamma        90.000 
_cell.entry_id           4DJG 
_cell.pdbx_unique_axis   ? 
_cell.Z_PDB              16 
_cell.length_a_esd       ? 
_cell.length_b_esd       ? 
_cell.length_c_esd       ? 
_cell.angle_alpha_esd    ? 
_cell.angle_beta_esd     ? 
_cell.angle_gamma_esd    ? 
# 
_symmetry.space_group_name_H-M             'P 41 21 2' 
_symmetry.entry_id                         4DJG 
_symmetry.Int_Tables_number                92 
_symmetry.pdbx_full_space_group_name_H-M   ? 
_symmetry.cell_setting                     ? 
_symmetry.space_group_name_Hall            ? 
# 
_exptl.crystals_number   1 
_exptl.entry_id          4DJG 
_exptl.method            'X-RAY DIFFRACTION' 
# 
_exptl_crystal.id                    1 
_exptl_crystal.pdbx_mosaicity        1.754 
_exptl_crystal.pdbx_mosaicity_esd    ? 
_exptl_crystal.density_Matthews      1.96 
_exptl_crystal.density_diffrn        ? 
_exptl_crystal.density_meas          ? 
_exptl_crystal.density_meas_temp     ? 
_exptl_crystal.density_percent_sol   37.25 
_exptl_crystal.size_max              ? 
_exptl_crystal.size_mid              ? 
_exptl_crystal.size_min              ? 
_exptl_crystal.size_rad              ? 
_exptl_crystal.description           ? 
# 
_exptl_crystal_grow.crystal_id      1 
_exptl_crystal_grow.method          'VAPOR DIFFUSION, HANGING DROP' 
_exptl_crystal_grow.pH              5.3 
_exptl_crystal_grow.temp            293 
_exptl_crystal_grow.pdbx_details    '0.1M Bis-Tris PH5.3 22.5% PEG 3350, vapor diffusion, hanging drop, temperature 293K' 
_exptl_crystal_grow.temp_details    ? 
_exptl_crystal_grow.pdbx_pH_range   . 
# 
_diffrn.id                     1 
_diffrn.ambient_temp           100 
_diffrn.ambient_temp_details   ? 
_diffrn.crystal_id             1 
# 
_diffrn_detector.diffrn_id              1 
_diffrn_detector.detector               'IMAGE PLATE' 
_diffrn_detector.type                   'RIGAKU RAXIS IV++' 
_diffrn_detector.pdbx_collection_date   2009-02-10 
_diffrn_detector.details                ? 
# 
_diffrn_radiation.diffrn_id                        1 
_diffrn_radiation.pdbx_diffrn_protocol             'SINGLE WAVELENGTH' 
_diffrn_radiation.monochromator                    ? 
_diffrn_radiation.wavelength_id                    1 
_diffrn_radiation.pdbx_monochromatic_or_laue_m_l   M 
_diffrn_radiation.pdbx_scattering_type             x-ray 
# 
_diffrn_radiation_wavelength.id           1 
_diffrn_radiation_wavelength.wavelength   1.5418 
_diffrn_radiation_wavelength.wt           1.0 
# 
_diffrn_source.diffrn_id                   1 
_diffrn_source.source                      'ROTATING ANODE' 
_diffrn_source.type                        'RIGAKU MICROMAX-007 HF' 
_diffrn_source.pdbx_wavelength_list        1.5418 
_diffrn_source.pdbx_wavelength             ? 
_diffrn_source.pdbx_synchrotron_site       ? 
_diffrn_source.pdbx_synchrotron_beamline   ? 
# 
_reflns.entry_id                     4DJG 
_reflns.d_resolution_high            1.900 
_reflns.d_resolution_low             20.000 
_reflns.number_obs                   7516 
_reflns.pdbx_Rmerge_I_obs            0.057 
_reflns.pdbx_netI_over_sigmaI        14.400 
_reflns.pdbx_chi_squared             1.140 
_reflns.pdbx_redundancy              8.700 
_reflns.percent_possible_obs         97.400 
_reflns.observed_criterion_sigma_F   ? 
_reflns.observed_criterion_sigma_I   ? 
_reflns.number_all                   7516 
_reflns.pdbx_Rsym_value              ? 
_reflns.B_iso_Wilson_estimate        ? 
_reflns.R_free_details               ? 
_reflns.limit_h_max                  ? 
_reflns.limit_h_min                  ? 
_reflns.limit_k_max                  ? 
_reflns.limit_k_min                  ? 
_reflns.limit_l_max                  ? 
_reflns.limit_l_min                  ? 
_reflns.observed_criterion_F_max     ? 
_reflns.observed_criterion_F_min     ? 
_reflns.pdbx_scaling_rejects         ? 
_reflns.pdbx_ordinal                 1 
_reflns.pdbx_diffrn_id               1 
# 
loop_
_reflns_shell.d_res_high 
_reflns_shell.d_res_low 
_reflns_shell.number_measured_obs 
_reflns_shell.number_measured_all 
_reflns_shell.number_unique_obs 
_reflns_shell.pdbx_rejects 
_reflns_shell.Rmerge_I_obs 
_reflns_shell.meanI_over_sigI_obs 
_reflns_shell.pdbx_Rsym_value 
_reflns_shell.pdbx_chi_squared 
_reflns_shell.pdbx_redundancy 
_reflns_shell.percent_possible_obs 
_reflns_shell.pdbx_netI_over_sigmaI_obs 
_reflns_shell.number_possible 
_reflns_shell.number_unique_all 
_reflns_shell.Rmerge_F_all 
_reflns_shell.Rmerge_F_obs 
_reflns_shell.Rmerge_I_all 
_reflns_shell.meanI_over_sigI_all 
_reflns_shell.percent_possible_all 
_reflns_shell.pdbx_Rrim_I_all 
_reflns_shell.pdbx_Rpim_I_all 
_reflns_shell.pdbx_ordinal 
_reflns_shell.pdbx_diffrn_id 
1.900 1.930  ? ? ? ? 0.381 ? ? 0.945 8.400 ? ? ? 352 ? ? ? ? 96.200 ? ? 1  1 
1.930 1.970  ? ? ? ? 0.324 ? ? 0.932 8.700 ? ? ? 351 ? ? ? ? 95.100 ? ? 2  1 
1.970 2.010  ? ? ? ? 0.259 ? ? 0.928 8.400 ? ? ? 379 ? ? ? ? 95.200 ? ? 3  1 
2.010 2.050  ? ? ? ? 0.245 ? ? 1.018 8.900 ? ? ? 338 ? ? ? ? 96.000 ? ? 4  1 
2.050 2.090  ? ? ? ? 0.192 ? ? 1.177 8.700 ? ? ? 369 ? ? ? ? 96.100 ? ? 5  1 
2.090 2.140  ? ? ? ? 0.153 ? ? 1.036 9.000 ? ? ? 364 ? ? ? ? 96.600 ? ? 6  1 
2.140 2.190  ? ? ? ? 0.140 ? ? 1.195 8.800 ? ? ? 357 ? ? ? ? 96.000 ? ? 7  1 
2.190 2.250  ? ? ? ? 0.122 ? ? 1.214 9.000 ? ? ? 363 ? ? ? ? 96.500 ? ? 8  1 
2.250 2.320  ? ? ? ? 0.109 ? ? 1.283 8.900 ? ? ? 364 ? ? ? ? 97.100 ? ? 9  1 
2.320 2.390  ? ? ? ? 0.099 ? ? 1.290 9.100 ? ? ? 366 ? ? ? ? 97.300 ? ? 10 1 
2.390 2.480  ? ? ? ? 0.087 ? ? 1.212 9.000 ? ? ? 374 ? ? ? ? 97.700 ? ? 11 1 
2.480 2.580  ? ? ? ? 0.080 ? ? 1.172 8.900 ? ? ? 371 ? ? ? ? 97.100 ? ? 12 1 
2.580 2.690  ? ? ? ? 0.078 ? ? 1.263 8.900 ? ? ? 379 ? ? ? ? 97.400 ? ? 13 1 
2.690 2.840  ? ? ? ? 0.071 ? ? 1.188 8.900 ? ? ? 385 ? ? ? ? 98.700 ? ? 14 1 
2.840 3.010  ? ? ? ? 0.060 ? ? 1.279 8.900 ? ? ? 370 ? ? ? ? 97.900 ? ? 15 1 
3.010 3.250  ? ? ? ? 0.054 ? ? 1.229 8.800 ? ? ? 386 ? ? ? ? 98.500 ? ? 16 1 
3.250 3.570  ? ? ? ? 0.048 ? ? 1.235 8.700 ? ? ? 389 ? ? ? ? 99.000 ? ? 17 1 
3.570 4.080  ? ? ? ? 0.043 ? ? 1.175 8.500 ? ? ? 394 ? ? ? ? 99.500 ? ? 18 1 
4.080 5.130  ? ? ? ? 0.038 ? ? 1.018 8.300 ? ? ? 412 ? ? ? ? 99.000 ? ? 19 1 
5.130 20.000 ? ? ? ? 0.031 ? ? 0.950 7.300 ? ? ? 453 ? ? ? ? 99.600 ? ? 20 1 
# 
_refine.entry_id                                 4DJG 
_refine.ls_d_res_high                            1.9000 
_refine.ls_d_res_low                             18.8600 
_refine.pdbx_ls_sigma_F                          0.000 
_refine.pdbx_data_cutoff_high_absF               ? 
_refine.pdbx_data_cutoff_low_absF                ? 
_refine.ls_percent_reflns_obs                    97.6000 
_refine.ls_number_reflns_obs                     7172 
_refine.ls_number_reflns_all                     ? 
_refine.pdbx_ls_cross_valid_method               THROUGHOUT 
_refine.pdbx_R_Free_selection_details            RANDOM 
_refine.details                                  'HYDROGENS HAVE BEEN USED IF PRESENT IN THE INPUT U VALUES' 
_refine.ls_R_factor_all                          ? 
_refine.ls_R_factor_obs                          0.2066 
_refine.ls_R_factor_R_work                       0.2048 
_refine.ls_wR_factor_R_work                      ? 
_refine.ls_R_factor_R_free                       0.2440 
_refine.ls_wR_factor_R_free                      ? 
_refine.ls_percent_reflns_R_free                 4.7000 
_refine.ls_number_reflns_R_free                  356 
_refine.ls_R_factor_R_free_error                 ? 
_refine.B_iso_mean                               28.7268 
_refine.solvent_model_param_bsol                 ? 
_refine.solvent_model_param_ksol                 ? 
_refine.pdbx_isotropic_thermal_model             ? 
_refine.aniso_B[1][1]                            -0.0000 
_refine.aniso_B[2][2]                            -0.0000 
_refine.aniso_B[3][3]                            0.0100 
_refine.aniso_B[1][2]                            -0.0000 
_refine.aniso_B[1][3]                            0.0000 
_refine.aniso_B[2][3]                            -0.0000 
_refine.correlation_coeff_Fo_to_Fc               0.9480 
_refine.correlation_coeff_Fo_to_Fc_free          0.9300 
_refine.overall_SU_R_Cruickshank_DPI             ? 
_refine.overall_SU_R_free                        ? 
_refine.pdbx_overall_ESU_R                       0.1790 
_refine.pdbx_overall_ESU_R_Free                  0.1590 
_refine.overall_SU_ML                            0.1010 
_refine.overall_SU_B                             3.3720 
_refine.solvent_model_details                    MASK 
_refine.pdbx_solvent_vdw_probe_radii             1.2000 
_refine.pdbx_solvent_ion_probe_radii             0.8000 
_refine.pdbx_solvent_shrinkage_radii             0.8000 
_refine.ls_number_parameters                     ? 
_refine.ls_number_restraints                     ? 
_refine.pdbx_starting_model                      ? 
_refine.pdbx_method_to_determine_struct          SIRAS 
_refine.pdbx_stereochemistry_target_values       'MAXIMUM LIKELIHOOD' 
_refine.pdbx_stereochem_target_val_spec_case     ? 
_refine.overall_FOM_work_R_set                   ? 
_refine.B_iso_max                                67.970 
_refine.B_iso_min                                10.800 
_refine.pdbx_overall_phase_error                 ? 
_refine.occupancy_max                            1.000 
_refine.occupancy_min                            1.000 
_refine.pdbx_ls_sigma_I                          ? 
_refine.ls_redundancy_reflns_obs                 ? 
_refine.ls_R_factor_R_free_error_details         ? 
_refine.pdbx_data_cutoff_high_rms_absF           ? 
_refine.overall_FOM_free_R_set                   ? 
_refine.pdbx_diffrn_id                           1 
_refine.pdbx_refine_id                           'X-RAY DIFFRACTION' 
_refine.pdbx_TLS_residual_ADP_flag               ? 
_refine.pdbx_overall_SU_R_free_Cruickshank_DPI   ? 
_refine.pdbx_overall_SU_R_Blow_DPI               ? 
_refine.pdbx_overall_SU_R_free_Blow_DPI          ? 
# 
_refine_hist.pdbx_refine_id                   'X-RAY DIFFRACTION' 
_refine_hist.cycle_id                         LAST 
_refine_hist.pdbx_number_atoms_protein        744 
_refine_hist.pdbx_number_atoms_nucleic_acid   0 
_refine_hist.pdbx_number_atoms_ligand         0 
_refine_hist.number_atoms_solvent             56 
_refine_hist.number_atoms_total               800 
_refine_hist.d_res_high                       1.9000 
_refine_hist.d_res_low                        18.8600 
# 
loop_
_refine_ls_restr.type 
_refine_ls_restr.number 
_refine_ls_restr.dev_ideal 
_refine_ls_restr.dev_ideal_target 
_refine_ls_restr.weight 
_refine_ls_restr.pdbx_restraint_function 
_refine_ls_restr.pdbx_refine_id 
r_bond_refined_d       744 0.007  0.019  ? ? 'X-RAY DIFFRACTION' 
r_angle_refined_deg    994 1.154  2.004  ? ? 'X-RAY DIFFRACTION' 
r_dihedral_angle_1_deg 94  3.993  5.000  ? ? 'X-RAY DIFFRACTION' 
r_dihedral_angle_2_deg 34  23.926 24.118 ? ? 'X-RAY DIFFRACTION' 
r_dihedral_angle_3_deg 157 14.872 15.000 ? ? 'X-RAY DIFFRACTION' 
r_dihedral_angle_4_deg 9   22.028 15.000 ? ? 'X-RAY DIFFRACTION' 
r_chiral_restr         122 0.060  0.200  ? ? 'X-RAY DIFFRACTION' 
r_gen_planes_refined   525 0.003  0.020  ? ? 'X-RAY DIFFRACTION' 
# 
_refine_ls_shell.d_res_high                       1.9000 
_refine_ls_shell.d_res_low                        1.9490 
_refine_ls_shell.pdbx_total_number_of_bins_used   20 
_refine_ls_shell.percent_reflns_obs               95.4700 
_refine_ls_shell.number_reflns_R_work             440 
_refine_ls_shell.R_factor_all                     ? 
_refine_ls_shell.R_factor_R_work                  0.2420 
_refine_ls_shell.R_factor_R_free                  0.3140 
_refine_ls_shell.percent_reflns_R_free            ? 
_refine_ls_shell.number_reflns_R_free             24 
_refine_ls_shell.R_factor_R_free_error            ? 
_refine_ls_shell.number_reflns_all                464 
_refine_ls_shell.number_reflns_obs                ? 
_refine_ls_shell.pdbx_refine_id                   'X-RAY DIFFRACTION' 
_refine_ls_shell.redundancy_reflns_obs            ? 
# 
_struct.entry_id                  4DJG 
_struct.title                     'Crystal structure of the coiled-coil 1 domain of actin-binding protein SCAB1' 
_struct.pdbx_model_details        ? 
_struct.pdbx_CASP_flag            ? 
_struct.pdbx_model_type_details   ? 
# 
_struct_keywords.entry_id        4DJG 
_struct_keywords.text            'Coiled-coil, four helix bundle, dimerization, cytosolic, PROTEIN BINDING' 
_struct_keywords.pdbx_keywords   'PROTEIN BINDING' 
# 
loop_
_struct_asym.id 
_struct_asym.pdbx_blank_PDB_chainid_flag 
_struct_asym.pdbx_modified 
_struct_asym.entity_id 
_struct_asym.details 
A N N 1 ? 
B N N 1 ? 
C N N 2 ? 
D N N 2 ? 
# 
_struct_ref.id                         1 
_struct_ref.db_name                    UNP 
_struct_ref.db_code                    O48791_ARATH 
_struct_ref.pdbx_db_accession          O48791 
_struct_ref.entity_id                  1 
_struct_ref.pdbx_seq_one_letter_code   ATSLEKHVLLKKLRDALESLRGRVAGRNKDDVEEAIAMVEALAVQLTQREGE 
_struct_ref.pdbx_align_begin           100 
_struct_ref.pdbx_db_isoform            ? 
# 
loop_
_struct_ref_seq.align_id 
_struct_ref_seq.ref_id 
_struct_ref_seq.pdbx_PDB_id_code 
_struct_ref_seq.pdbx_strand_id 
_struct_ref_seq.seq_align_beg 
_struct_ref_seq.pdbx_seq_align_beg_ins_code 
_struct_ref_seq.seq_align_end 
_struct_ref_seq.pdbx_seq_align_end_ins_code 
_struct_ref_seq.pdbx_db_accession 
_struct_ref_seq.db_align_beg 
_struct_ref_seq.pdbx_db_align_beg_ins_code 
_struct_ref_seq.db_align_end 
_struct_ref_seq.pdbx_db_align_end_ins_code 
_struct_ref_seq.pdbx_auth_seq_align_beg 
_struct_ref_seq.pdbx_auth_seq_align_end 
1 1 4DJG A 1 ? 52 ? O48791 100 ? 151 ? 100 151 
2 1 4DJG B 1 ? 52 ? O48791 100 ? 151 ? 100 151 
# 
_pdbx_struct_assembly.id                   1 
_pdbx_struct_assembly.details              author_and_software_defined_assembly 
_pdbx_struct_assembly.method_details       PISA 
_pdbx_struct_assembly.oligomeric_details   dimeric 
_pdbx_struct_assembly.oligomeric_count     2 
# 
loop_
_pdbx_struct_assembly_prop.biol_id 
_pdbx_struct_assembly_prop.type 
_pdbx_struct_assembly_prop.value 
_pdbx_struct_assembly_prop.details 
1 'ABSA (A^2)' 1730 ? 
1 MORE         -17  ? 
1 'SSA (A^2)'  6160 ? 
# 
_pdbx_struct_assembly_gen.assembly_id       1 
_pdbx_struct_assembly_gen.oper_expression   1 
_pdbx_struct_assembly_gen.asym_id_list      A,B,C,D 
# 
_pdbx_struct_oper_list.id                   1 
_pdbx_struct_oper_list.type                 'identity operation' 
_pdbx_struct_oper_list.name                 1_555 
_pdbx_struct_oper_list.symmetry_operation   x,y,z 
_pdbx_struct_oper_list.matrix[1][1]         1.0000000000 
_pdbx_struct_oper_list.matrix[1][2]         0.0000000000 
_pdbx_struct_oper_list.matrix[1][3]         0.0000000000 
_pdbx_struct_oper_list.vector[1]            0.0000000000 
_pdbx_struct_oper_list.matrix[2][1]         0.0000000000 
_pdbx_struct_oper_list.matrix[2][2]         1.0000000000 
_pdbx_struct_oper_list.matrix[2][3]         0.0000000000 
_pdbx_struct_oper_list.vector[2]            0.0000000000 
_pdbx_struct_oper_list.matrix[3][1]         0.0000000000 
_pdbx_struct_oper_list.matrix[3][2]         0.0000000000 
_pdbx_struct_oper_list.matrix[3][3]         1.0000000000 
_pdbx_struct_oper_list.vector[3]            0.0000000000 
# 
_struct_biol.id        1 
_struct_biol.details   ? 
# 
loop_
_struct_conf.conf_type_id 
_struct_conf.id 
_struct_conf.pdbx_PDB_helix_id 
_struct_conf.beg_label_comp_id 
_struct_conf.beg_label_asym_id 
_struct_conf.beg_label_seq_id 
_struct_conf.pdbx_beg_PDB_ins_code 
_struct_conf.end_label_comp_id 
_struct_conf.end_label_asym_id 
_struct_conf.end_label_seq_id 
_struct_conf.pdbx_end_PDB_ins_code 
_struct_conf.beg_auth_comp_id 
_struct_conf.beg_auth_asym_id 
_struct_conf.beg_auth_seq_id 
_struct_conf.end_auth_comp_id 
_struct_conf.end_auth_asym_id 
_struct_conf.end_auth_seq_id 
_struct_conf.pdbx_PDB_helix_class 
_struct_conf.details 
_struct_conf.pdbx_PDB_helix_length 
HELX_P HELX_P1 1 HIS A 7  ? GLY A 22 ? HIS A 106 GLY A 121 1 ? 16 
HELX_P HELX_P2 2 ALA A 25 ? GLN A 48 ? ALA A 124 GLN A 147 1 ? 24 
HELX_P HELX_P3 3 THR B 2  ? ARG B 21 ? THR B 101 ARG B 120 1 ? 20 
HELX_P HELX_P4 4 ALA B 25 ? ARG B 27 ? ALA B 124 ARG B 126 5 ? 3  
HELX_P HELX_P5 5 ASN B 28 ? LEU B 46 ? ASN B 127 LEU B 145 1 ? 19 
# 
_struct_conf_type.id          HELX_P 
_struct_conf_type.criteria    ? 
_struct_conf_type.reference   ? 
# 
loop_
_pdbx_unobs_or_zero_occ_residues.id 
_pdbx_unobs_or_zero_occ_residues.PDB_model_num 
_pdbx_unobs_or_zero_occ_residues.polymer_flag 
_pdbx_unobs_or_zero_occ_residues.occupancy_flag 
_pdbx_unobs_or_zero_occ_residues.auth_asym_id 
_pdbx_unobs_or_zero_occ_residues.auth_comp_id 
_pdbx_unobs_or_zero_occ_residues.auth_seq_id 
_pdbx_unobs_or_zero_occ_residues.PDB_ins_code 
_pdbx_unobs_or_zero_occ_residues.label_asym_id 
_pdbx_unobs_or_zero_occ_residues.label_comp_id 
_pdbx_unobs_or_zero_occ_residues.label_seq_id 
1 1 Y 1 A ALA 100 ? A ALA 1  
2 1 Y 1 A THR 101 ? A THR 2  
3 1 Y 1 A SER 102 ? A SER 3  
4 1 Y 1 B GLN 147 ? B GLN 48 
5 1 Y 1 B ARG 148 ? B ARG 49 
6 1 Y 1 B GLU 149 ? B GLU 50 
7 1 Y 1 B GLY 150 ? B GLY 51 
8 1 Y 1 B GLU 151 ? B GLU 52 
# 
loop_
_chem_comp_atom.comp_id 
_chem_comp_atom.atom_id 
_chem_comp_atom.type_symbol 
_chem_comp_atom.pdbx_aromatic_flag 
_chem_comp_atom.pdbx_stereo_config 
_chem_comp_atom.pdbx_ordinal 
ALA N    N N N 1   
ALA CA   C N S 2   
ALA C    C N N 3   
ALA O    O N N 4   
ALA CB   C N N 5   
ALA OXT  O N N 6   
ALA H    H N N 7   
ALA H2   H N N 8   
ALA HA   H N N 9   
ALA HB1  H N N 10  
ALA HB2  H N N 11  
ALA HB3  H N N 12  
ALA HXT  H N N 13  
ARG N    N N N 14  
ARG CA   C N S 15  
ARG C    C N N 16  
ARG O    O N N 17  
ARG CB   C N N 18  
ARG CG   C N N 19  
ARG CD   C N N 20  
ARG NE   N N N 21  
ARG CZ   C N N 22  
ARG NH1  N N N 23  
ARG NH2  N N N 24  
ARG OXT  O N N 25  
ARG H    H N N 26  
ARG H2   H N N 27  
ARG HA   H N N 28  
ARG HB2  H N N 29  
ARG HB3  H N N 30  
ARG HG2  H N N 31  
ARG HG3  H N N 32  
ARG HD2  H N N 33  
ARG HD3  H N N 34  
ARG HE   H N N 35  
ARG HH11 H N N 36  
ARG HH12 H N N 37  
ARG HH21 H N N 38  
ARG HH22 H N N 39  
ARG HXT  H N N 40  
ASN N    N N N 41  
ASN CA   C N S 42  
ASN C    C N N 43  
ASN O    O N N 44  
ASN CB   C N N 45  
ASN CG   C N N 46  
ASN OD1  O N N 47  
ASN ND2  N N N 48  
ASN OXT  O N N 49  
ASN H    H N N 50  
ASN H2   H N N 51  
ASN HA   H N N 52  
ASN HB2  H N N 53  
ASN HB3  H N N 54  
ASN HD21 H N N 55  
ASN HD22 H N N 56  
ASN HXT  H N N 57  
ASP N    N N N 58  
ASP CA   C N S 59  
ASP C    C N N 60  
ASP O    O N N 61  
ASP CB   C N N 62  
ASP CG   C N N 63  
ASP OD1  O N N 64  
ASP OD2  O N N 65  
ASP OXT  O N N 66  
ASP H    H N N 67  
ASP H2   H N N 68  
ASP HA   H N N 69  
ASP HB2  H N N 70  
ASP HB3  H N N 71  
ASP HD2  H N N 72  
ASP HXT  H N N 73  
GLN N    N N N 74  
GLN CA   C N S 75  
GLN C    C N N 76  
GLN O    O N N 77  
GLN CB   C N N 78  
GLN CG   C N N 79  
GLN CD   C N N 80  
GLN OE1  O N N 81  
GLN NE2  N N N 82  
GLN OXT  O N N 83  
GLN H    H N N 84  
GLN H2   H N N 85  
GLN HA   H N N 86  
GLN HB2  H N N 87  
GLN HB3  H N N 88  
GLN HG2  H N N 89  
GLN HG3  H N N 90  
GLN HE21 H N N 91  
GLN HE22 H N N 92  
GLN HXT  H N N 93  
GLU N    N N N 94  
GLU CA   C N S 95  
GLU C    C N N 96  
GLU O    O N N 97  
GLU CB   C N N 98  
GLU CG   C N N 99  
GLU CD   C N N 100 
GLU OE1  O N N 101 
GLU OE2  O N N 102 
GLU OXT  O N N 103 
GLU H    H N N 104 
GLU H2   H N N 105 
GLU HA   H N N 106 
GLU HB2  H N N 107 
GLU HB3  H N N 108 
GLU HG2  H N N 109 
GLU HG3  H N N 110 
GLU HE2  H N N 111 
GLU HXT  H N N 112 
GLY N    N N N 113 
GLY CA   C N N 114 
GLY C    C N N 115 
GLY O    O N N 116 
GLY OXT  O N N 117 
GLY H    H N N 118 
GLY H2   H N N 119 
GLY HA2  H N N 120 
GLY HA3  H N N 121 
GLY HXT  H N N 122 
HIS N    N N N 123 
HIS CA   C N S 124 
HIS C    C N N 125 
HIS O    O N N 126 
HIS CB   C N N 127 
HIS CG   C Y N 128 
HIS ND1  N Y N 129 
HIS CD2  C Y N 130 
HIS CE1  C Y N 131 
HIS NE2  N Y N 132 
HIS OXT  O N N 133 
HIS H    H N N 134 
HIS H2   H N N 135 
HIS HA   H N N 136 
HIS HB2  H N N 137 
HIS HB3  H N N 138 
HIS HD1  H N N 139 
HIS HD2  H N N 140 
HIS HE1  H N N 141 
HIS HE2  H N N 142 
HIS HXT  H N N 143 
HOH O    O N N 144 
HOH H1   H N N 145 
HOH H2   H N N 146 
ILE N    N N N 147 
ILE CA   C N S 148 
ILE C    C N N 149 
ILE O    O N N 150 
ILE CB   C N S 151 
ILE CG1  C N N 152 
ILE CG2  C N N 153 
ILE CD1  C N N 154 
ILE OXT  O N N 155 
ILE H    H N N 156 
ILE H2   H N N 157 
ILE HA   H N N 158 
ILE HB   H N N 159 
ILE HG12 H N N 160 
ILE HG13 H N N 161 
ILE HG21 H N N 162 
ILE HG22 H N N 163 
ILE HG23 H N N 164 
ILE HD11 H N N 165 
ILE HD12 H N N 166 
ILE HD13 H N N 167 
ILE HXT  H N N 168 
LEU N    N N N 169 
LEU CA   C N S 170 
LEU C    C N N 171 
LEU O    O N N 172 
LEU CB   C N N 173 
LEU CG   C N N 174 
LEU CD1  C N N 175 
LEU CD2  C N N 176 
LEU OXT  O N N 177 
LEU H    H N N 178 
LEU H2   H N N 179 
LEU HA   H N N 180 
LEU HB2  H N N 181 
LEU HB3  H N N 182 
LEU HG   H N N 183 
LEU HD11 H N N 184 
LEU HD12 H N N 185 
LEU HD13 H N N 186 
LEU HD21 H N N 187 
LEU HD22 H N N 188 
LEU HD23 H N N 189 
LEU HXT  H N N 190 
LYS N    N N N 191 
LYS CA   C N S 192 
LYS C    C N N 193 
LYS O    O N N 194 
LYS CB   C N N 195 
LYS CG   C N N 196 
LYS CD   C N N 197 
LYS CE   C N N 198 
LYS NZ   N N N 199 
LYS OXT  O N N 200 
LYS H    H N N 201 
LYS H2   H N N 202 
LYS HA   H N N 203 
LYS HB2  H N N 204 
LYS HB3  H N N 205 
LYS HG2  H N N 206 
LYS HG3  H N N 207 
LYS HD2  H N N 208 
LYS HD3  H N N 209 
LYS HE2  H N N 210 
LYS HE3  H N N 211 
LYS HZ1  H N N 212 
LYS HZ2  H N N 213 
LYS HZ3  H N N 214 
LYS HXT  H N N 215 
MET N    N N N 216 
MET CA   C N S 217 
MET C    C N N 218 
MET O    O N N 219 
MET CB   C N N 220 
MET CG   C N N 221 
MET SD   S N N 222 
MET CE   C N N 223 
MET OXT  O N N 224 
MET H    H N N 225 
MET H2   H N N 226 
MET HA   H N N 227 
MET HB2  H N N 228 
MET HB3  H N N 229 
MET HG2  H N N 230 
MET HG3  H N N 231 
MET HE1  H N N 232 
MET HE2  H N N 233 
MET HE3  H N N 234 
MET HXT  H N N 235 
SER N    N N N 236 
SER CA   C N S 237 
SER C    C N N 238 
SER O    O N N 239 
SER CB   C N N 240 
SER OG   O N N 241 
SER OXT  O N N 242 
SER H    H N N 243 
SER H2   H N N 244 
SER HA   H N N 245 
SER HB2  H N N 246 
SER HB3  H N N 247 
SER HG   H N N 248 
SER HXT  H N N 249 
THR N    N N N 250 
THR CA   C N S 251 
THR C    C N N 252 
THR O    O N N 253 
THR CB   C N R 254 
THR OG1  O N N 255 
THR CG2  C N N 256 
THR OXT  O N N 257 
THR H    H N N 258 
THR H2   H N N 259 
THR HA   H N N 260 
THR HB   H N N 261 
THR HG1  H N N 262 
THR HG21 H N N 263 
THR HG22 H N N 264 
THR HG23 H N N 265 
THR HXT  H N N 266 
VAL N    N N N 267 
VAL CA   C N S 268 
VAL C    C N N 269 
VAL O    O N N 270 
VAL CB   C N N 271 
VAL CG1  C N N 272 
VAL CG2  C N N 273 
VAL OXT  O N N 274 
VAL H    H N N 275 
VAL H2   H N N 276 
VAL HA   H N N 277 
VAL HB   H N N 278 
VAL HG11 H N N 279 
VAL HG12 H N N 280 
VAL HG13 H N N 281 
VAL HG21 H N N 282 
VAL HG22 H N N 283 
VAL HG23 H N N 284 
VAL HXT  H N N 285 
# 
loop_
_chem_comp_bond.comp_id 
_chem_comp_bond.atom_id_1 
_chem_comp_bond.atom_id_2 
_chem_comp_bond.value_order 
_chem_comp_bond.pdbx_aromatic_flag 
_chem_comp_bond.pdbx_stereo_config 
_chem_comp_bond.pdbx_ordinal 
ALA N   CA   sing N N 1   
ALA N   H    sing N N 2   
ALA N   H2   sing N N 3   
ALA CA  C    sing N N 4   
ALA CA  CB   sing N N 5   
ALA CA  HA   sing N N 6   
ALA C   O    doub N N 7   
ALA C   OXT  sing N N 8   
ALA CB  HB1  sing N N 9   
ALA CB  HB2  sing N N 10  
ALA CB  HB3  sing N N 11  
ALA OXT HXT  sing N N 12  
ARG N   CA   sing N N 13  
ARG N   H    sing N N 14  
ARG N   H2   sing N N 15  
ARG CA  C    sing N N 16  
ARG CA  CB   sing N N 17  
ARG CA  HA   sing N N 18  
ARG C   O    doub N N 19  
ARG C   OXT  sing N N 20  
ARG CB  CG   sing N N 21  
ARG CB  HB2  sing N N 22  
ARG CB  HB3  sing N N 23  
ARG CG  CD   sing N N 24  
ARG CG  HG2  sing N N 25  
ARG CG  HG3  sing N N 26  
ARG CD  NE   sing N N 27  
ARG CD  HD2  sing N N 28  
ARG CD  HD3  sing N N 29  
ARG NE  CZ   sing N N 30  
ARG NE  HE   sing N N 31  
ARG CZ  NH1  sing N N 32  
ARG CZ  NH2  doub N N 33  
ARG NH1 HH11 sing N N 34  
ARG NH1 HH12 sing N N 35  
ARG NH2 HH21 sing N N 36  
ARG NH2 HH22 sing N N 37  
ARG OXT HXT  sing N N 38  
ASN N   CA   sing N N 39  
ASN N   H    sing N N 40  
ASN N   H2   sing N N 41  
ASN CA  C    sing N N 42  
ASN CA  CB   sing N N 43  
ASN CA  HA   sing N N 44  
ASN C   O    doub N N 45  
ASN C   OXT  sing N N 46  
ASN CB  CG   sing N N 47  
ASN CB  HB2  sing N N 48  
ASN CB  HB3  sing N N 49  
ASN CG  OD1  doub N N 50  
ASN CG  ND2  sing N N 51  
ASN ND2 HD21 sing N N 52  
ASN ND2 HD22 sing N N 53  
ASN OXT HXT  sing N N 54  
ASP N   CA   sing N N 55  
ASP N   H    sing N N 56  
ASP N   H2   sing N N 57  
ASP CA  C    sing N N 58  
ASP CA  CB   sing N N 59  
ASP CA  HA   sing N N 60  
ASP C   O    doub N N 61  
ASP C   OXT  sing N N 62  
ASP CB  CG   sing N N 63  
ASP CB  HB2  sing N N 64  
ASP CB  HB3  sing N N 65  
ASP CG  OD1  doub N N 66  
ASP CG  OD2  sing N N 67  
ASP OD2 HD2  sing N N 68  
ASP OXT HXT  sing N N 69  
GLN N   CA   sing N N 70  
GLN N   H    sing N N 71  
GLN N   H2   sing N N 72  
GLN CA  C    sing N N 73  
GLN CA  CB   sing N N 74  
GLN CA  HA   sing N N 75  
GLN C   O    doub N N 76  
GLN C   OXT  sing N N 77  
GLN CB  CG   sing N N 78  
GLN CB  HB2  sing N N 79  
GLN CB  HB3  sing N N 80  
GLN CG  CD   sing N N 81  
GLN CG  HG2  sing N N 82  
GLN CG  HG3  sing N N 83  
GLN CD  OE1  doub N N 84  
GLN CD  NE2  sing N N 85  
GLN NE2 HE21 sing N N 86  
GLN NE2 HE22 sing N N 87  
GLN OXT HXT  sing N N 88  
GLU N   CA   sing N N 89  
GLU N   H    sing N N 90  
GLU N   H2   sing N N 91  
GLU CA  C    sing N N 92  
GLU CA  CB   sing N N 93  
GLU CA  HA   sing N N 94  
GLU C   O    doub N N 95  
GLU C   OXT  sing N N 96  
GLU CB  CG   sing N N 97  
GLU CB  HB2  sing N N 98  
GLU CB  HB3  sing N N 99  
GLU CG  CD   sing N N 100 
GLU CG  HG2  sing N N 101 
GLU CG  HG3  sing N N 102 
GLU CD  OE1  doub N N 103 
GLU CD  OE2  sing N N 104 
GLU OE2 HE2  sing N N 105 
GLU OXT HXT  sing N N 106 
GLY N   CA   sing N N 107 
GLY N   H    sing N N 108 
GLY N   H2   sing N N 109 
GLY CA  C    sing N N 110 
GLY CA  HA2  sing N N 111 
GLY CA  HA3  sing N N 112 
GLY C   O    doub N N 113 
GLY C   OXT  sing N N 114 
GLY OXT HXT  sing N N 115 
HIS N   CA   sing N N 116 
HIS N   H    sing N N 117 
HIS N   H2   sing N N 118 
HIS CA  C    sing N N 119 
HIS CA  CB   sing N N 120 
HIS CA  HA   sing N N 121 
HIS C   O    doub N N 122 
HIS C   OXT  sing N N 123 
HIS CB  CG   sing N N 124 
HIS CB  HB2  sing N N 125 
HIS CB  HB3  sing N N 126 
HIS CG  ND1  sing Y N 127 
HIS CG  CD2  doub Y N 128 
HIS ND1 CE1  doub Y N 129 
HIS ND1 HD1  sing N N 130 
HIS CD2 NE2  sing Y N 131 
HIS CD2 HD2  sing N N 132 
HIS CE1 NE2  sing Y N 133 
HIS CE1 HE1  sing N N 134 
HIS NE2 HE2  sing N N 135 
HIS OXT HXT  sing N N 136 
HOH O   H1   sing N N 137 
HOH O   H2   sing N N 138 
ILE N   CA   sing N N 139 
ILE N   H    sing N N 140 
ILE N   H2   sing N N 141 
ILE CA  C    sing N N 142 
ILE CA  CB   sing N N 143 
ILE CA  HA   sing N N 144 
ILE C   O    doub N N 145 
ILE C   OXT  sing N N 146 
ILE CB  CG1  sing N N 147 
ILE CB  CG2  sing N N 148 
ILE CB  HB   sing N N 149 
ILE CG1 CD1  sing N N 150 
ILE CG1 HG12 sing N N 151 
ILE CG1 HG13 sing N N 152 
ILE CG2 HG21 sing N N 153 
ILE CG2 HG22 sing N N 154 
ILE CG2 HG23 sing N N 155 
ILE CD1 HD11 sing N N 156 
ILE CD1 HD12 sing N N 157 
ILE CD1 HD13 sing N N 158 
ILE OXT HXT  sing N N 159 
LEU N   CA   sing N N 160 
LEU N   H    sing N N 161 
LEU N   H2   sing N N 162 
LEU CA  C    sing N N 163 
LEU CA  CB   sing N N 164 
LEU CA  HA   sing N N 165 
LEU C   O    doub N N 166 
LEU C   OXT  sing N N 167 
LEU CB  CG   sing N N 168 
LEU CB  HB2  sing N N 169 
LEU CB  HB3  sing N N 170 
LEU CG  CD1  sing N N 171 
LEU CG  CD2  sing N N 172 
LEU CG  HG   sing N N 173 
LEU CD1 HD11 sing N N 174 
LEU CD1 HD12 sing N N 175 
LEU CD1 HD13 sing N N 176 
LEU CD2 HD21 sing N N 177 
LEU CD2 HD22 sing N N 178 
LEU CD2 HD23 sing N N 179 
LEU OXT HXT  sing N N 180 
LYS N   CA   sing N N 181 
LYS N   H    sing N N 182 
LYS N   H2   sing N N 183 
LYS CA  C    sing N N 184 
LYS CA  CB   sing N N 185 
LYS CA  HA   sing N N 186 
LYS C   O    doub N N 187 
LYS C   OXT  sing N N 188 
LYS CB  CG   sing N N 189 
LYS CB  HB2  sing N N 190 
LYS CB  HB3  sing N N 191 
LYS CG  CD   sing N N 192 
LYS CG  HG2  sing N N 193 
LYS CG  HG3  sing N N 194 
LYS CD  CE   sing N N 195 
LYS CD  HD2  sing N N 196 
LYS CD  HD3  sing N N 197 
LYS CE  NZ   sing N N 198 
LYS CE  HE2  sing N N 199 
LYS CE  HE3  sing N N 200 
LYS NZ  HZ1  sing N N 201 
LYS NZ  HZ2  sing N N 202 
LYS NZ  HZ3  sing N N 203 
LYS OXT HXT  sing N N 204 
MET N   CA   sing N N 205 
MET N   H    sing N N 206 
MET N   H2   sing N N 207 
MET CA  C    sing N N 208 
MET CA  CB   sing N N 209 
MET CA  HA   sing N N 210 
MET C   O    doub N N 211 
MET C   OXT  sing N N 212 
MET CB  CG   sing N N 213 
MET CB  HB2  sing N N 214 
MET CB  HB3  sing N N 215 
MET CG  SD   sing N N 216 
MET CG  HG2  sing N N 217 
MET CG  HG3  sing N N 218 
MET SD  CE   sing N N 219 
MET CE  HE1  sing N N 220 
MET CE  HE2  sing N N 221 
MET CE  HE3  sing N N 222 
MET OXT HXT  sing N N 223 
SER N   CA   sing N N 224 
SER N   H    sing N N 225 
SER N   H2   sing N N 226 
SER CA  C    sing N N 227 
SER CA  CB   sing N N 228 
SER CA  HA   sing N N 229 
SER C   O    doub N N 230 
SER C   OXT  sing N N 231 
SER CB  OG   sing N N 232 
SER CB  HB2  sing N N 233 
SER CB  HB3  sing N N 234 
SER OG  HG   sing N N 235 
SER OXT HXT  sing N N 236 
THR N   CA   sing N N 237 
THR N   H    sing N N 238 
THR N   H2   sing N N 239 
THR CA  C    sing N N 240 
THR CA  CB   sing N N 241 
THR CA  HA   sing N N 242 
THR C   O    doub N N 243 
THR C   OXT  sing N N 244 
THR CB  OG1  sing N N 245 
THR CB  CG2  sing N N 246 
THR CB  HB   sing N N 247 
THR OG1 HG1  sing N N 248 
THR CG2 HG21 sing N N 249 
THR CG2 HG22 sing N N 250 
THR CG2 HG23 sing N N 251 
THR OXT HXT  sing N N 252 
VAL N   CA   sing N N 253 
VAL N   H    sing N N 254 
VAL N   H2   sing N N 255 
VAL CA  C    sing N N 256 
VAL CA  CB   sing N N 257 
VAL CA  HA   sing N N 258 
VAL C   O    doub N N 259 
VAL C   OXT  sing N N 260 
VAL CB  CG1  sing N N 261 
VAL CB  CG2  sing N N 262 
VAL CB  HB   sing N N 263 
VAL CG1 HG11 sing N N 264 
VAL CG1 HG12 sing N N 265 
VAL CG1 HG13 sing N N 266 
VAL CG2 HG21 sing N N 267 
VAL CG2 HG22 sing N N 268 
VAL CG2 HG23 sing N N 269 
VAL OXT HXT  sing N N 270 
# 
_atom_sites.entry_id                    4DJG 
_atom_sites.fract_transf_matrix[1][1]   -0.00109743 
_atom_sites.fract_transf_matrix[1][2]   0.00983440 
_atom_sites.fract_transf_matrix[1][3]   0.01824191 
_atom_sites.fract_transf_matrix[2][1]   0.01028596 
_atom_sites.fract_transf_matrix[2][2]   0.01611707 
_atom_sites.fract_transf_matrix[2][3]   -0.00807007 
_atom_sites.fract_transf_matrix[3][1]   -0.01112603 
_atom_sites.fract_transf_matrix[3][2]   0.00532742 
_atom_sites.fract_transf_matrix[3][3]   -0.00354141 
_atom_sites.fract_transf_vector[1]      -0.035091 
_atom_sites.fract_transf_vector[2]      0.414014 
_atom_sites.fract_transf_vector[3]      0.323012 
# 
loop_
_atom_type.symbol 
C 
N 
O 
S 
# 
loop_
_atom_site.group_PDB 
_atom_site.id 
_atom_site.type_symbol 
_atom_site.label_atom_id 
_atom_site.label_alt_id 
_atom_site.label_comp_id 
_atom_site.label_asym_id 
_atom_site.label_entity_id 
_atom_site.label_seq_id 
_atom_site.pdbx_PDB_ins_code 
_atom_site.Cartn_x 
_atom_site.Cartn_y 
_atom_site.Cartn_z 
_atom_site.occupancy 
_atom_site.B_iso_or_equiv 
_atom_site.pdbx_formal_charge 
_atom_site.auth_seq_id 
_atom_site.auth_comp_id 
_atom_site.auth_asym_id 
_atom_site.auth_atom_id 
_atom_site.pdbx_PDB_model_num 
ATOM   1   N N   . LEU A 1 4  ? 3.822   14.070  0.990   1.00 45.79 ? 103 LEU A N   1 
ATOM   2   C CA  . LEU A 1 4  ? 2.913   13.519  -0.068  1.00 45.34 ? 103 LEU A CA  1 
ATOM   3   C C   . LEU A 1 4  ? 1.701   14.419  -0.321  1.00 44.98 ? 103 LEU A C   1 
ATOM   4   O O   . LEU A 1 4  ? 0.654   13.962  -0.790  1.00 43.27 ? 103 LEU A O   1 
ATOM   5   C CB  . LEU A 1 4  ? 2.472   12.099  0.303   1.00 42.14 ? 103 LEU A CB  1 
ATOM   6   C CG  . LEU A 1 4  ? 3.593   11.064  0.252   1.00 41.15 ? 103 LEU A CG  1 
ATOM   7   C CD1 . LEU A 1 4  ? 3.151   9.768   0.912   1.00 40.79 ? 103 LEU A CD1 1 
ATOM   8   C CD2 . LEU A 1 4  ? 4.054   10.847  -1.191  1.00 40.28 ? 103 LEU A CD2 1 
ATOM   9   N N   . GLU A 1 5  ? 1.866   15.705  -0.025  1.00 46.28 ? 104 GLU A N   1 
ATOM   10  C CA  . GLU A 1 5  ? 0.789   16.692  -0.132  1.00 48.47 ? 104 GLU A CA  1 
ATOM   11  C C   . GLU A 1 5  ? 0.229   16.815  -1.552  1.00 47.89 ? 104 GLU A C   1 
ATOM   12  O O   . GLU A 1 5  ? -0.946  17.137  -1.728  1.00 49.60 ? 104 GLU A O   1 
ATOM   13  C CB  . GLU A 1 5  ? 1.252   18.057  0.401   1.00 50.12 ? 104 GLU A CB  1 
ATOM   14  C CG  . GLU A 1 5  ? 1.775   18.024  1.834   1.00 51.13 ? 104 GLU A CG  1 
ATOM   15  C CD  . GLU A 1 5  ? 0.733   17.541  2.835   1.00 52.87 ? 104 GLU A CD  1 
ATOM   16  O OE1 . GLU A 1 5  ? 1.011   16.558  3.559   1.00 51.24 ? 104 GLU A OE1 1 
ATOM   17  O OE2 . GLU A 1 5  ? -0.368  18.135  2.893   1.00 53.56 ? 104 GLU A OE2 1 
ATOM   18  N N   . LYS A 1 6  ? 1.066   16.537  -2.553  1.00 47.59 ? 105 LYS A N   1 
ATOM   19  C CA  . LYS A 1 6  ? 0.639   16.538  -3.964  1.00 46.63 ? 105 LYS A CA  1 
ATOM   20  C C   . LYS A 1 6  ? 0.096   15.186  -4.452  1.00 42.91 ? 105 LYS A C   1 
ATOM   21  O O   . LYS A 1 6  ? -0.318  15.068  -5.616  1.00 43.49 ? 105 LYS A O   1 
ATOM   22  C CB  . LYS A 1 6  ? 1.774   17.008  -4.887  1.00 49.65 ? 105 LYS A CB  1 
ATOM   23  C CG  . LYS A 1 6  ? 1.997   18.514  -4.888  1.00 54.44 ? 105 LYS A CG  1 
ATOM   24  C CD  . LYS A 1 6  ? 3.209   18.927  -4.060  1.00 56.69 ? 105 LYS A CD  1 
ATOM   25  C CE  . LYS A 1 6  ? 4.431   19.159  -4.942  1.00 58.13 ? 105 LYS A CE  1 
ATOM   26  N NZ  . LYS A 1 6  ? 5.617   19.643  -4.176  1.00 58.40 ? 105 LYS A NZ  1 
ATOM   27  N N   . HIS A 1 7  ? 0.104   14.179  -3.566  1.00 38.11 ? 106 HIS A N   1 
ATOM   28  C CA  . HIS A 1 7  ? -0.398  12.831  -3.894  1.00 33.38 ? 106 HIS A CA  1 
ATOM   29  C C   . HIS A 1 7  ? -1.249  12.307  -2.762  1.00 29.24 ? 106 HIS A C   1 
ATOM   30  O O   . HIS A 1 7  ? -0.848  11.409  -2.017  1.00 25.74 ? 106 HIS A O   1 
ATOM   31  C CB  . HIS A 1 7  ? 0.759   11.882  -4.194  1.00 35.27 ? 106 HIS A CB  1 
ATOM   32  C CG  . HIS A 1 7  ? 1.921   12.543  -4.909  1.00 38.45 ? 106 HIS A CG  1 
ATOM   33  N ND1 . HIS A 1 7  ? 3.042   12.934  -4.268  1.00 40.73 ? 106 HIS A ND1 1 
ATOM   34  C CD2 . HIS A 1 7  ? 2.098   12.888  -6.250  1.00 39.59 ? 106 HIS A CD2 1 
ATOM   35  C CE1 . HIS A 1 7  ? 3.894   13.498  -5.153  1.00 41.09 ? 106 HIS A CE1 1 
ATOM   36  N NE2 . HIS A 1 7  ? 3.317   13.466  -6.363  1.00 40.18 ? 106 HIS A NE2 1 
ATOM   37  N N   . VAL A 1 8  ? -2.430  12.893  -2.617  1.00 25.46 ? 107 VAL A N   1 
ATOM   38  C CA  . VAL A 1 8  ? -3.333  12.592  -1.509  1.00 24.26 ? 107 VAL A CA  1 
ATOM   39  C C   . VAL A 1 8  ? -3.717  11.111  -1.435  1.00 22.85 ? 107 VAL A C   1 
ATOM   40  O O   . VAL A 1 8  ? -3.717  10.541  -0.347  1.00 23.99 ? 107 VAL A O   1 
ATOM   41  C CB  . VAL A 1 8  ? -4.578  13.505  -1.549  1.00 23.46 ? 107 VAL A CB  1 
ATOM   42  C CG1 . VAL A 1 8  ? -5.610  13.092  -0.507  1.00 23.62 ? 107 VAL A CG1 1 
ATOM   43  C CG2 . VAL A 1 8  ? -4.162  14.950  -1.327  1.00 24.05 ? 107 VAL A CG2 1 
ATOM   44  N N   . LEU A 1 9  ? -4.038  10.487  -2.569  1.00 22.27 ? 108 LEU A N   1 
ATOM   45  C CA  . LEU A 1 9  ? -4.407  9.063   -2.573  1.00 22.72 ? 108 LEU A CA  1 
ATOM   46  C C   . LEU A 1 9  ? -3.307  8.218   -1.934  1.00 23.06 ? 108 LEU A C   1 
ATOM   47  O O   . LEU A 1 9  ? -3.585  7.394   -1.053  1.00 21.90 ? 108 LEU A O   1 
ATOM   48  C CB  . LEU A 1 9  ? -4.751  8.545   -3.989  1.00 23.11 ? 108 LEU A CB  1 
ATOM   49  C CG  . LEU A 1 9  ? -5.146  7.055   -4.135  1.00 23.24 ? 108 LEU A CG  1 
ATOM   50  C CD1 . LEU A 1 9  ? -6.347  6.682   -3.263  1.00 22.65 ? 108 LEU A CD1 1 
ATOM   51  C CD2 . LEU A 1 9  ? -5.433  6.704   -5.592  1.00 23.33 ? 108 LEU A CD2 1 
ATOM   52  N N   . LEU A 1 10 ? -2.060  8.441   -2.361  1.00 23.00 ? 109 LEU A N   1 
ATOM   53  C CA  . LEU A 1 10 ? -0.924  7.712   -1.791  1.00 23.45 ? 109 LEU A CA  1 
ATOM   54  C C   . LEU A 1 10 ? -0.708  7.997   -0.299  1.00 22.14 ? 109 LEU A C   1 
ATOM   55  O O   . LEU A 1 10 ? -0.470  7.074   0.497   1.00 22.20 ? 109 LEU A O   1 
ATOM   56  C CB  . LEU A 1 10 ? 0.362   7.981   -2.589  1.00 25.27 ? 109 LEU A CB  1 
ATOM   57  C CG  . LEU A 1 10 ? 1.581   7.089   -2.302  1.00 26.60 ? 109 LEU A CG  1 
ATOM   58  C CD1 . LEU A 1 10 ? 1.268   5.598   -2.409  1.00 28.33 ? 109 LEU A CD1 1 
ATOM   59  C CD2 . LEU A 1 10 ? 2.712   7.460   -3.241  1.00 29.04 ? 109 LEU A CD2 1 
ATOM   60  N N   . LYS A 1 11 ? -0.787  9.274   0.072   1.00 20.49 ? 110 LYS A N   1 
ATOM   61  C CA  . LYS A 1 11 ? -0.683  9.690   1.474   1.00 19.92 ? 110 LYS A CA  1 
ATOM   62  C C   . LYS A 1 11 ? -1.681  8.959   2.368   1.00 18.60 ? 110 LYS A C   1 
ATOM   63  O O   . LYS A 1 11 ? -1.316  8.468   3.441   1.00 17.67 ? 110 LYS A O   1 
ATOM   64  C CB  . LYS A 1 11 ? -0.894  11.203  1.609   1.00 20.15 ? 110 LYS A CB  1 
ATOM   65  C CG  . LYS A 1 11 ? -0.629  11.731  3.010   1.00 21.73 ? 110 LYS A CG  1 
ATOM   66  C CD  . LYS A 1 11 ? -1.111  13.168  3.169   1.00 20.48 ? 110 LYS A CD  1 
ATOM   67  C CE  . LYS A 1 11 ? -0.832  13.664  4.579   1.00 21.75 ? 110 LYS A CE  1 
ATOM   68  N NZ  . LYS A 1 11 ? -1.081  15.134  4.699   1.00 21.99 ? 110 LYS A NZ  1 
ATOM   69  N N   . LYS A 1 12 ? -2.933  8.890   1.929   1.00 17.65 ? 111 LYS A N   1 
ATOM   70  C CA  . LYS A 1 12 ? -3.977  8.331   2.760   1.00 18.04 ? 111 LYS A CA  1 
ATOM   71  C C   . LYS A 1 12 ? -3.915  6.809   2.782   1.00 18.17 ? 111 LYS A C   1 
ATOM   72  O O   . LYS A 1 12 ? -4.371  6.188   3.738   1.00 17.96 ? 111 LYS A O   1 
ATOM   73  C CB  . LYS A 1 12 ? -5.357  8.852   2.351   1.00 17.63 ? 111 LYS A CB  1 
ATOM   74  C CG  . LYS A 1 12 ? -5.513  10.362  2.508   1.00 18.41 ? 111 LYS A CG  1 
ATOM   75  C CD  . LYS A 1 12 ? -4.970  10.910  3.827   1.00 18.89 ? 111 LYS A CD  1 
ATOM   76  C CE  . LYS A 1 12 ? -5.824  10.549  5.041   1.00 19.19 ? 111 LYS A CE  1 
ATOM   77  N NZ  . LYS A 1 12 ? -5.155  10.994  6.309   1.00 19.54 ? 111 LYS A NZ  1 
ATOM   78  N N   . LEU A 1 13 ? -3.335  6.221   1.732   1.00 18.05 ? 112 LEU A N   1 
ATOM   79  C CA  . LEU A 1 13 ? -3.064  4.786   1.725   1.00 18.19 ? 112 LEU A CA  1 
ATOM   80  C C   . LEU A 1 13 ? -1.980  4.448   2.742   1.00 18.09 ? 112 LEU A C   1 
ATOM   81  O O   . LEU A 1 13 ? -2.090  3.470   3.487   1.00 17.23 ? 112 LEU A O   1 
ATOM   82  C CB  . LEU A 1 13 ? -2.670  4.301   0.323   1.00 18.25 ? 112 LEU A CB  1 
ATOM   83  C CG  . LEU A 1 13 ? -2.225  2.833   0.242   1.00 18.31 ? 112 LEU A CG  1 
ATOM   84  C CD1 . LEU A 1 13 ? -3.327  1.866   0.658   1.00 18.40 ? 112 LEU A CD1 1 
ATOM   85  C CD2 . LEU A 1 13 ? -1.746  2.541   -1.168  1.00 19.35 ? 112 LEU A CD2 1 
ATOM   86  N N   . ARG A 1 14 ? -0.928  5.255   2.773   1.00 18.45 ? 113 ARG A N   1 
ATOM   87  C CA  . ARG A 1 14 ? 0.090   5.101   3.798   1.00 20.44 ? 113 ARG A CA  1 
ATOM   88  C C   . ARG A 1 14 ? -0.531  5.167   5.197   1.00 19.04 ? 113 ARG A C   1 
ATOM   89  O O   . ARG A 1 14 ? -0.245  4.314   6.047   1.00 18.68 ? 113 ARG A O   1 
ATOM   90  C CB  . ARG A 1 14 ? 1.194   6.152   3.634   1.00 22.75 ? 113 ARG A CB  1 
ATOM   91  C CG  . ARG A 1 14 ? 2.219   6.130   4.759   1.00 26.09 ? 113 ARG A CG  1 
ATOM   92  C CD  . ARG A 1 14 ? 3.504   6.821   4.356   1.00 30.42 ? 113 ARG A CD  1 
ATOM   93  N NE  . ARG A 1 14 ? 3.484   8.287   4.226   1.00 34.08 ? 113 ARG A NE  1 
ATOM   94  C CZ  . ARG A 1 14 ? 2.705   9.156   4.875   1.00 38.94 ? 113 ARG A CZ  1 
ATOM   95  N NH1 . ARG A 1 14 ? 2.857   10.457  4.637   1.00 42.42 ? 113 ARG A NH1 1 
ATOM   96  N NH2 . ARG A 1 14 ? 1.784   8.764   5.750   1.00 41.33 ? 113 ARG A NH2 1 
ATOM   97  N N   . ASP A 1 15 ? -1.387  6.162   5.425   1.00 18.52 ? 114 ASP A N   1 
ATOM   98  C CA  . ASP A 1 15 ? -2.008  6.337   6.736   1.00 18.45 ? 114 ASP A CA  1 
ATOM   99  C C   . ASP A 1 15 ? -2.915  5.157   7.075   1.00 18.18 ? 114 ASP A C   1 
ATOM   100 O O   . ASP A 1 15 ? -2.928  4.687   8.215   1.00 17.83 ? 114 ASP A O   1 
ATOM   101 C CB  . ASP A 1 15 ? -2.816  7.639   6.801   1.00 19.41 ? 114 ASP A CB  1 
ATOM   102 C CG  . ASP A 1 15 ? -1.944  8.884   6.717   1.00 20.45 ? 114 ASP A CG  1 
ATOM   103 O OD1 . ASP A 1 15 ? -0.708  8.781   6.888   1.00 21.23 ? 114 ASP A OD1 1 
ATOM   104 O OD2 . ASP A 1 15 ? -2.502  9.971   6.470   1.00 20.88 ? 114 ASP A OD2 1 
ATOM   105 N N   . ALA A 1 16 ? -3.677  4.697   6.080   1.00 17.40 ? 115 ALA A N   1 
ATOM   106 C CA  . ALA A 1 16 ? -4.586  3.566   6.251   1.00 17.13 ? 115 ALA A CA  1 
ATOM   107 C C   . ALA A 1 16 ? -3.800  2.311   6.650   1.00 16.88 ? 115 ALA A C   1 
ATOM   108 O O   . ALA A 1 16 ? -4.206  1.588   7.552   1.00 17.83 ? 115 ALA A O   1 
ATOM   109 C CB  . ALA A 1 16 ? -5.410  3.339   4.978   1.00 16.34 ? 115 ALA A CB  1 
ATOM   110 N N   . LEU A 1 17 ? -2.661  2.074   5.999   1.00 16.06 ? 116 LEU A N   1 
ATOM   111 C CA  . LEU A 1 17 ? -1.834  0.916   6.311   1.00 16.47 ? 116 LEU A CA  1 
ATOM   112 C C   . LEU A 1 17 ? -1.185  0.989   7.701   1.00 17.02 ? 116 LEU A C   1 
ATOM   113 O O   . LEU A 1 17 ? -1.164  -0.001  8.442   1.00 17.11 ? 116 LEU A O   1 
ATOM   114 C CB  . LEU A 1 17 ? -0.780  0.685   5.221   1.00 15.57 ? 116 LEU A CB  1 
ATOM   115 C CG  . LEU A 1 17 ? -1.225  0.331   3.783   1.00 15.25 ? 116 LEU A CG  1 
ATOM   116 C CD1 . LEU A 1 17 ? -0.028  0.306   2.842   1.00 15.37 ? 116 LEU A CD1 1 
ATOM   117 C CD2 . LEU A 1 17 ? -1.987  -0.993  3.722   1.00 15.30 ? 116 LEU A CD2 1 
ATOM   118 N N   . GLU A 1 18 ? -0.665  2.158   8.065   1.00 19.33 ? 117 GLU A N   1 
ATOM   119 C CA  . GLU A 1 18 ? -0.110  2.334   9.420   1.00 21.22 ? 117 GLU A CA  1 
ATOM   120 C C   . GLU A 1 18 ? -1.141  2.035   10.496  1.00 19.58 ? 117 GLU A C   1 
ATOM   121 O O   . GLU A 1 18 ? -0.830  1.400   11.493  1.00 20.10 ? 117 GLU A O   1 
ATOM   122 C CB  . GLU A 1 18 ? 0.478   3.732   9.617   1.00 25.13 ? 117 GLU A CB  1 
ATOM   123 C CG  . GLU A 1 18 ? 1.908   3.876   9.104   1.00 30.76 ? 117 GLU A CG  1 
ATOM   124 C CD  . GLU A 1 18 ? 2.933   2.979   9.814   1.00 32.33 ? 117 GLU A CD  1 
ATOM   125 O OE1 . GLU A 1 18 ? 2.614   2.322   10.839  1.00 34.19 ? 117 GLU A OE1 1 
ATOM   126 O OE2 . GLU A 1 18 ? 4.087   2.932   9.328   1.00 36.67 ? 117 GLU A OE2 1 
ATOM   127 N N   . SER A 1 19 ? -2.374  2.473   10.277  1.00 20.21 ? 118 SER A N   1 
ATOM   128 C CA  . SER A 1 19 ? -3.456  2.237   11.224  1.00 19.99 ? 118 SER A CA  1 
ATOM   129 C C   . SER A 1 19 ? -3.807  0.742   11.297  1.00 19.73 ? 118 SER A C   1 
ATOM   130 O O   . SER A 1 19 ? -3.949  0.162   12.383  1.00 18.26 ? 118 SER A O   1 
ATOM   131 C CB  . SER A 1 19 ? -4.671  3.096   10.855  1.00 20.93 ? 118 SER A CB  1 
ATOM   132 O OG  . SER A 1 19 ? -5.779  2.770   11.663  1.00 23.40 ? 118 SER A OG  1 
ATOM   133 N N   . LEU A 1 20 ? -3.905  0.114   10.126  1.00 18.43 ? 119 LEU A N   1 
ATOM   134 C CA  . LEU A 1 20 ? -4.180  -1.301  10.040  1.00 18.74 ? 119 LEU A CA  1 
ATOM   135 C C   . LEU A 1 20 ? -3.077  -2.121  10.716  1.00 18.23 ? 119 LEU A C   1 
ATOM   136 O O   . LEU A 1 20 ? -3.367  -3.109  11.395  1.00 18.11 ? 119 LEU A O   1 
ATOM   137 C CB  . LEU A 1 20 ? -4.357  -1.695  8.564   1.00 19.31 ? 119 LEU A CB  1 
ATOM   138 C CG  . LEU A 1 20 ? -4.822  -3.119  8.249   1.00 20.94 ? 119 LEU A CG  1 
ATOM   139 C CD1 . LEU A 1 20 ? -6.111  -3.445  8.986   1.00 20.41 ? 119 LEU A CD1 1 
ATOM   140 C CD2 . LEU A 1 20 ? -5.006  -3.238  6.738   1.00 20.83 ? 119 LEU A CD2 1 
ATOM   141 N N   . ARG A 1 21 ? -1.822  -1.696  10.559  1.00 18.59 ? 120 ARG A N   1 
ATOM   142 C CA  . ARG A 1 21 ? -0.684  -2.380  11.187  1.00 18.88 ? 120 ARG A CA  1 
ATOM   143 C C   . ARG A 1 21 ? -0.874  -2.523  12.706  1.00 19.52 ? 120 ARG A C   1 
ATOM   144 O O   . ARG A 1 21 ? -0.559  -3.568  13.278  1.00 19.71 ? 120 ARG A O   1 
ATOM   145 C CB  . ARG A 1 21 ? 0.621   -1.648  10.876  1.00 19.54 ? 120 ARG A CB  1 
ATOM   146 C CG  . ARG A 1 21 ? 1.867   -2.260  11.501  1.00 21.23 ? 120 ARG A CG  1 
ATOM   147 C CD  . ARG A 1 21 ? 3.063   -1.355  11.269  1.00 22.78 ? 120 ARG A CD  1 
ATOM   148 N NE  . ARG A 1 21 ? 4.286   -1.880  11.856  1.00 25.19 ? 120 ARG A NE  1 
ATOM   149 C CZ  . ARG A 1 21 ? 5.342   -1.129  12.161  1.00 27.39 ? 120 ARG A CZ  1 
ATOM   150 N NH1 . ARG A 1 21 ? 5.321   0.183   11.925  1.00 28.37 ? 120 ARG A NH1 1 
ATOM   151 N NH2 . ARG A 1 21 ? 6.424   -1.690  12.693  1.00 29.53 ? 120 ARG A NH2 1 
ATOM   152 N N   . GLY A 1 22 ? -1.413  -1.484  13.338  1.00 20.13 ? 121 GLY A N   1 
ATOM   153 C CA  . GLY A 1 22 ? -1.630  -1.479  14.796  1.00 21.23 ? 121 GLY A CA  1 
ATOM   154 C C   . GLY A 1 22 ? -2.812  -2.300  15.285  1.00 22.70 ? 121 GLY A C   1 
ATOM   155 O O   . GLY A 1 22 ? -3.079  -2.361  16.498  1.00 23.46 ? 121 GLY A O   1 
ATOM   156 N N   . ARG A 1 23 ? -3.526  -2.935  14.357  1.00 21.70 ? 122 ARG A N   1 
ATOM   157 C CA  . ARG A 1 23 ? -4.723  -3.705  14.687  1.00 22.18 ? 122 ARG A CA  1 
ATOM   158 C C   . ARG A 1 23 ? -4.630  -5.183  14.302  1.00 21.12 ? 122 ARG A C   1 
ATOM   159 O O   . ARG A 1 23 ? -5.421  -5.995  14.770  1.00 21.47 ? 122 ARG A O   1 
ATOM   160 C CB  . ARG A 1 23 ? -5.954  -3.030  14.075  1.00 24.08 ? 122 ARG A CB  1 
ATOM   161 C CG  . ARG A 1 23 ? -6.207  -1.661  14.717  1.00 27.08 ? 122 ARG A CG  1 
ATOM   162 C CD  . ARG A 1 23 ? -7.383  -0.881  14.144  1.00 29.86 ? 122 ARG A CD  1 
ATOM   163 N NE  . ARG A 1 23 ? -7.060  -0.216  12.891  1.00 31.80 ? 122 ARG A NE  1 
ATOM   164 C CZ  . ARG A 1 23 ? -7.658  -0.468  11.727  1.00 34.10 ? 122 ARG A CZ  1 
ATOM   165 N NH1 . ARG A 1 23 ? -8.636  -1.374  11.657  1.00 34.74 ? 122 ARG A NH1 1 
ATOM   166 N NH2 . ARG A 1 23 ? -7.287  0.198   10.629  1.00 30.82 ? 122 ARG A NH2 1 
ATOM   167 N N   . VAL A 1 24 ? -3.629  -5.533  13.495  1.00 20.47 ? 123 VAL A N   1 
ATOM   168 C CA  . VAL A 1 24 ? -3.455  -6.908  12.999  1.00 19.99 ? 123 VAL A CA  1 
ATOM   169 C C   . VAL A 1 24 ? -2.288  -7.623  13.687  1.00 20.34 ? 123 VAL A C   1 
ATOM   170 O O   . VAL A 1 24 ? -1.479  -6.989  14.372  1.00 20.51 ? 123 VAL A O   1 
ATOM   171 C CB  . VAL A 1 24 ? -3.299  -6.958  11.457  1.00 19.07 ? 123 VAL A CB  1 
ATOM   172 C CG1 . VAL A 1 24 ? -4.588  -6.519  10.773  1.00 19.38 ? 123 VAL A CG1 1 
ATOM   173 C CG2 . VAL A 1 24 ? -2.123  -6.103  10.997  1.00 18.67 ? 123 VAL A CG2 1 
ATOM   174 N N   . ALA A 1 25 ? -2.193  -8.943  13.509  1.00 20.04 ? 124 ALA A N   1 
ATOM   175 C CA  . ALA A 1 25 ? -1.178  -9.716  14.222  1.00 20.14 ? 124 ALA A CA  1 
ATOM   176 C C   . ALA A 1 25 ? -0.552  -10.800 13.368  1.00 20.09 ? 124 ALA A C   1 
ATOM   177 O O   . ALA A 1 25 ? -1.075  -11.133 12.309  1.00 19.93 ? 124 ALA A O   1 
ATOM   178 C CB  . ALA A 1 25 ? -1.761  -10.318 15.490  1.00 20.03 ? 124 ALA A CB  1 
ATOM   179 N N   . GLY A 1 26 ? 0.566   -11.342 13.855  1.00 20.30 ? 125 GLY A N   1 
ATOM   180 C CA  . GLY A 1 26 ? 1.256   -12.458 13.210  1.00 19.76 ? 125 GLY A CA  1 
ATOM   181 C C   . GLY A 1 26 ? 1.606   -12.183 11.765  1.00 19.66 ? 125 GLY A C   1 
ATOM   182 O O   . GLY A 1 26 ? 2.109   -11.110 11.420  1.00 18.43 ? 125 GLY A O   1 
ATOM   183 N N   . ARG A 1 27 ? 1.323   -13.169 10.920  1.00 19.65 ? 126 ARG A N   1 
ATOM   184 C CA  . ARG A 1 27 ? 1.691   -13.113 9.513   1.00 20.94 ? 126 ARG A CA  1 
ATOM   185 C C   . ARG A 1 27 ? 0.925   -12.007 8.761   1.00 19.35 ? 126 ARG A C   1 
ATOM   186 O O   . ARG A 1 27 ? 1.463   -11.408 7.826   1.00 18.87 ? 126 ARG A O   1 
ATOM   187 C CB  . ARG A 1 27 ? 1.516   -14.511 8.903   1.00 22.57 ? 126 ARG A CB  1 
ATOM   188 C CG  . ARG A 1 27 ? 1.947   -14.678 7.460   1.00 25.66 ? 126 ARG A CG  1 
ATOM   189 C CD  . ARG A 1 27 ? 3.429   -14.458 7.212   1.00 27.56 ? 126 ARG A CD  1 
ATOM   190 N NE  . ARG A 1 27 ? 3.602   -13.948 5.855   1.00 30.23 ? 126 ARG A NE  1 
ATOM   191 C CZ  . ARG A 1 27 ? 3.694   -14.712 4.768   1.00 30.66 ? 126 ARG A CZ  1 
ATOM   192 N NH1 . ARG A 1 27 ? 3.639   -16.037 4.866   1.00 29.45 ? 126 ARG A NH1 1 
ATOM   193 N NH2 . ARG A 1 27 ? 3.849   -14.143 3.575   1.00 33.00 ? 126 ARG A NH2 1 
ATOM   194 N N   . ASN A 1 28 ? -0.311  -11.730 9.178   1.00 17.95 ? 127 ASN A N   1 
ATOM   195 C CA  . ASN A 1 28 ? -1.094  -10.610 8.632   1.00 17.23 ? 127 ASN A CA  1 
ATOM   196 C C   . ASN A 1 28 ? -0.377  -9.258  8.828   1.00 16.23 ? 127 ASN A C   1 
ATOM   197 O O   . ASN A 1 28 ? -0.347  -8.405  7.941   1.00 15.15 ? 127 ASN A O   1 
ATOM   198 C CB  . ASN A 1 28 ? -2.491  -10.554 9.275   1.00 17.47 ? 127 ASN A CB  1 
ATOM   199 C CG  . ASN A 1 28 ? -3.446  -11.625 8.746   1.00 18.36 ? 127 ASN A CG  1 
ATOM   200 O OD1 . ASN A 1 28 ? -3.174  -12.304 7.746   1.00 19.45 ? 127 ASN A OD1 1 
ATOM   201 N ND2 . ASN A 1 28 ? -4.605  -11.743 9.394   1.00 17.85 ? 127 ASN A ND2 1 
ATOM   202 N N   . LYS A 1 29 ? 0.230   -9.094  9.994   1.00 16.12 ? 128 LYS A N   1 
ATOM   203 C CA  . LYS A 1 29 ? 0.994   -7.888  10.276  1.00 16.24 ? 128 LYS A CA  1 
ATOM   204 C C   . LYS A 1 29 ? 2.230   -7.800  9.363   1.00 15.89 ? 128 LYS A C   1 
ATOM   205 O O   . LYS A 1 29 ? 2.606   -6.708  8.928   1.00 15.59 ? 128 LYS A O   1 
ATOM   206 C CB  . LYS A 1 29 ? 1.387   -7.853  11.754  1.00 17.51 ? 128 LYS A CB  1 
ATOM   207 C CG  . LYS A 1 29 ? 1.920   -6.507  12.223  1.00 19.24 ? 128 LYS A CG  1 
ATOM   208 C CD  . LYS A 1 29 ? 2.114   -6.542  13.724  1.00 20.79 ? 128 LYS A CD  1 
ATOM   209 C CE  . LYS A 1 29 ? 2.770   -5.275  14.231  1.00 23.96 ? 128 LYS A CE  1 
ATOM   210 N NZ  . LYS A 1 29 ? 2.408   -5.070  15.665  1.00 27.50 ? 128 LYS A NZ  1 
ATOM   211 N N   . ASP A 1 30 ? 2.838   -8.945  9.049   1.00 15.99 ? 129 ASP A N   1 
ATOM   212 C CA  . ASP A 1 30 ? 3.993   -8.978  8.118   1.00 16.82 ? 129 ASP A CA  1 
ATOM   213 C C   . ASP A 1 30 ? 3.604   -8.530  6.726   1.00 16.35 ? 129 ASP A C   1 
ATOM   214 O O   . ASP A 1 30 ? 4.352   -7.797  6.073   1.00 16.44 ? 129 ASP A O   1 
ATOM   215 C CB  . ASP A 1 30 ? 4.633   -10.366 8.040   1.00 18.02 ? 129 ASP A CB  1 
ATOM   216 C CG  . ASP A 1 30 ? 5.182   -10.838 9.371   1.00 19.40 ? 129 ASP A CG  1 
ATOM   217 O OD1 . ASP A 1 30 ? 5.719   -10.019 10.140  1.00 18.50 ? 129 ASP A OD1 1 
ATOM   218 O OD2 . ASP A 1 30 ? 5.075   -12.054 9.635   1.00 20.95 ? 129 ASP A OD2 1 
ATOM   219 N N   . ASP A 1 31 ? 2.440   -8.977  6.276   1.00 16.46 ? 130 ASP A N   1 
ATOM   220 C CA  . ASP A 1 31 ? 1.905   -8.567  4.985   1.00 16.72 ? 130 ASP A CA  1 
ATOM   221 C C   . ASP A 1 31 ? 1.564   -7.081  4.966   1.00 15.33 ? 130 ASP A C   1 
ATOM   222 O O   . ASP A 1 31 ? 1.835   -6.391  3.981   1.00 14.87 ? 130 ASP A O   1 
ATOM   223 C CB  . ASP A 1 31 ? 0.699   -9.420  4.584   1.00 17.77 ? 130 ASP A CB  1 
ATOM   224 C CG  . ASP A 1 31 ? 1.106   -10.802 4.081   1.00 21.06 ? 130 ASP A CG  1 
ATOM   225 O OD1 . ASP A 1 31 ? 2.293   -11.009 3.782   1.00 25.14 ? 130 ASP A OD1 1 
ATOM   226 O OD2 . ASP A 1 31 ? 0.241   -11.681 3.981   1.00 21.38 ? 130 ASP A OD2 1 
ATOM   227 N N   . VAL A 1 32 ? 0.990   -6.574  6.055   1.00 14.47 ? 131 VAL A N   1 
ATOM   228 C CA  . VAL A 1 32 ? 0.747   -5.129  6.155   1.00 14.61 ? 131 VAL A CA  1 
ATOM   229 C C   . VAL A 1 32 ? 2.060   -4.334  6.112   1.00 14.74 ? 131 VAL A C   1 
ATOM   230 O O   . VAL A 1 32 ? 2.150   -3.289  5.446   1.00 14.75 ? 131 VAL A O   1 
ATOM   231 C CB  . VAL A 1 32 ? -0.114  -4.746  7.391   1.00 14.64 ? 131 VAL A CB  1 
ATOM   232 C CG1 . VAL A 1 32 ? -0.198  -3.228  7.544   1.00 15.18 ? 131 VAL A CG1 1 
ATOM   233 C CG2 . VAL A 1 32 ? -1.520  -5.316  7.259   1.00 15.29 ? 131 VAL A CG2 1 
ATOM   234 N N   . GLU A 1 33 ? 3.074   -4.823  6.812   1.00 15.61 ? 132 GLU A N   1 
ATOM   235 C CA  . GLU A 1 33 ? 4.387   -4.176  6.793   1.00 16.33 ? 132 GLU A CA  1 
ATOM   236 C C   . GLU A 1 33 ? 5.045   -4.245  5.403   1.00 16.38 ? 132 GLU A C   1 
ATOM   237 O O   . GLU A 1 33 ? 5.718   -3.300  4.970   1.00 16.55 ? 132 GLU A O   1 
ATOM   238 C CB  . GLU A 1 33 ? 5.269   -4.764  7.883   1.00 17.74 ? 132 GLU A CB  1 
ATOM   239 C CG  . GLU A 1 33 ? 4.824   -4.284  9.267   1.00 18.00 ? 132 GLU A CG  1 
ATOM   240 C CD  . GLU A 1 33 ? 5.623   -4.879  10.409  1.00 19.69 ? 132 GLU A CD  1 
ATOM   241 O OE1 . GLU A 1 33 ? 6.513   -5.706  10.166  1.00 20.78 ? 132 GLU A OE1 1 
ATOM   242 O OE2 . GLU A 1 33 ? 5.365   -4.494  11.567  1.00 21.05 ? 132 GLU A OE2 1 
ATOM   243 N N   . GLU A 1 34 ? 4.814   -5.352  4.702   1.00 17.22 ? 133 GLU A N   1 
ATOM   244 C CA  . GLU A 1 34 ? 5.205   -5.492  3.288   1.00 18.08 ? 133 GLU A CA  1 
ATOM   245 C C   . GLU A 1 34 ? 4.539   -4.415  2.416   1.00 17.44 ? 133 GLU A C   1 
ATOM   246 O O   . GLU A 1 34 ? 5.226   -3.691  1.690   1.00 16.55 ? 133 GLU A O   1 
ATOM   247 C CB  . GLU A 1 34 ? 4.941   -6.924  2.793   1.00 20.84 ? 133 GLU A CB  1 
ATOM   248 C CG  . GLU A 1 34 ? 5.169   -7.204  1.305   1.00 23.61 ? 133 GLU A CG  1 
ATOM   249 C CD  . GLU A 1 34 ? 6.610   -7.043  0.821   1.00 27.27 ? 133 GLU A CD  1 
ATOM   250 O OE1 . GLU A 1 34 ? 7.547   -6.870  1.633   1.00 28.63 ? 133 GLU A OE1 1 
ATOM   251 O OE2 . GLU A 1 34 ? 6.818   -7.087  -0.411  1.00 30.31 ? 133 GLU A OE2 1 
ATOM   252 N N   . ALA A 1 35 ? 3.220   -4.284  2.522   1.00 16.06 ? 134 ALA A N   1 
ATOM   253 C CA  . ALA A 1 35 ? 2.502   -3.212  1.852   1.00 16.15 ? 134 ALA A CA  1 
ATOM   254 C C   . ALA A 1 35 ? 3.065   -1.809  2.182   1.00 16.57 ? 134 ALA A C   1 
ATOM   255 O O   . ALA A 1 35 ? 3.253   -0.954  1.288   1.00 15.82 ? 134 ALA A O   1 
ATOM   256 C CB  . ALA A 1 35 ? 1.021   -3.297  2.198   1.00 16.18 ? 134 ALA A CB  1 
ATOM   257 N N   . ILE A 1 36 ? 3.334   -1.571  3.465   1.00 16.14 ? 135 ILE A N   1 
ATOM   258 C CA  . ILE A 1 36 ? 3.870   -0.277  3.910   1.00 16.97 ? 135 ILE A CA  1 
ATOM   259 C C   . ILE A 1 36 ? 5.208   0.018   3.223   1.00 17.47 ? 135 ILE A C   1 
ATOM   260 O O   . ILE A 1 36 ? 5.414   1.125   2.702   1.00 18.15 ? 135 ILE A O   1 
ATOM   261 C CB  . ILE A 1 36 ? 4.000   -0.212  5.448   1.00 16.91 ? 135 ILE A CB  1 
ATOM   262 C CG1 . ILE A 1 36 ? 2.609   -0.107  6.094   1.00 16.95 ? 135 ILE A CG1 1 
ATOM   263 C CG2 . ILE A 1 36 ? 4.895   0.955   5.868   1.00 17.87 ? 135 ILE A CG2 1 
ATOM   264 C CD1 . ILE A 1 36 ? 2.574   -0.311  7.593   1.00 16.79 ? 135 ILE A CD1 1 
ATOM   265 N N   . ALA A 1 37 ? 6.099   -0.977  3.204   1.00 17.57 ? 136 ALA A N   1 
ATOM   266 C CA  . ALA A 1 37 ? 7.390   -0.846  2.532   1.00 18.98 ? 136 ALA A CA  1 
ATOM   267 C C   . ALA A 1 37 ? 7.232   -0.536  1.031   1.00 19.42 ? 136 ALA A C   1 
ATOM   268 O O   . ALA A 1 37 ? 7.959   0.318   0.489   1.00 19.33 ? 136 ALA A O   1 
ATOM   269 C CB  . ALA A 1 37 ? 8.229   -2.098  2.752   1.00 18.18 ? 136 ALA A CB  1 
ATOM   270 N N   . MET A 1 38 ? 6.279   -1.205  0.371   1.00 19.52 ? 137 MET A N   1 
ATOM   271 C CA  . MET A 1 38 ? 5.990   -0.940  -1.056  1.00 20.26 ? 137 MET A CA  1 
ATOM   272 C C   . MET A 1 38 ? 5.524   0.494   -1.277  1.00 21.22 ? 137 MET A C   1 
ATOM   273 O O   . MET A 1 38 ? 5.955   1.156   -2.225  1.00 20.80 ? 137 MET A O   1 
ATOM   274 C CB  . MET A 1 38 ? 4.966   -1.930  -1.643  1.00 20.51 ? 137 MET A CB  1 
ATOM   275 C CG  . MET A 1 38 ? 5.414   -3.389  -1.710  1.00 20.90 ? 137 MET A CG  1 
ATOM   276 S SD  . MET A 1 38 ? 6.939   -3.686  -2.629  1.00 21.08 ? 137 MET A SD  1 
ATOM   277 C CE  . MET A 1 38 ? 8.169   -3.458  -1.362  1.00 20.11 ? 137 MET A CE  1 
ATOM   278 N N   . VAL A 1 39 ? 4.655   0.971   -0.391  1.00 20.74 ? 138 VAL A N   1 
ATOM   279 C CA  . VAL A 1 39 ? 4.142   2.335   -0.451  1.00 21.51 ? 138 VAL A CA  1 
ATOM   280 C C   . VAL A 1 39 ? 5.251   3.367   -0.214  1.00 22.70 ? 138 VAL A C   1 
ATOM   281 O O   . VAL A 1 39 ? 5.306   4.380   -0.922  1.00 22.73 ? 138 VAL A O   1 
ATOM   282 C CB  . VAL A 1 39 ? 2.940   2.511   0.509   1.00 20.91 ? 138 VAL A CB  1 
ATOM   283 C CG1 . VAL A 1 39 ? 2.649   3.990   0.798   1.00 21.09 ? 138 VAL A CG1 1 
ATOM   284 C CG2 . VAL A 1 39 ? 1.722   1.846   -0.102  1.00 20.47 ? 138 VAL A CG2 1 
ATOM   285 N N   . GLU A 1 40 ? 6.141   3.098   0.744   1.00 23.45 ? 139 GLU A N   1 
ATOM   286 C CA  . GLU A 1 40 ? 7.291   3.977   1.005   1.00 25.63 ? 139 GLU A CA  1 
ATOM   287 C C   . GLU A 1 40 ? 8.230   4.078   -0.189  1.00 25.11 ? 139 GLU A C   1 
ATOM   288 O O   . GLU A 1 40 ? 8.712   5.173   -0.513  1.00 27.08 ? 139 GLU A O   1 
ATOM   289 C CB  . GLU A 1 40 ? 8.060   3.536   2.249   1.00 27.92 ? 139 GLU A CB  1 
ATOM   290 C CG  . GLU A 1 40 ? 7.306   3.786   3.535   1.00 31.98 ? 139 GLU A CG  1 
ATOM   291 C CD  . GLU A 1 40 ? 8.175   3.688   4.772   1.00 35.00 ? 139 GLU A CD  1 
ATOM   292 O OE1 . GLU A 1 40 ? 9.404   3.525   4.635   1.00 34.76 ? 139 GLU A OE1 1 
ATOM   293 O OE2 . GLU A 1 40 ? 7.617   3.786   5.889   1.00 39.79 ? 139 GLU A OE2 1 
ATOM   294 N N   . ALA A 1 41 ? 8.485   2.948   -0.845  1.00 24.63 ? 140 ALA A N   1 
ATOM   295 C CA  . ALA A 1 41 ? 9.271   2.935   -2.071  1.00 25.50 ? 140 ALA A CA  1 
ATOM   296 C C   . ALA A 1 41 ? 8.595   3.737   -3.195  1.00 26.76 ? 140 ALA A C   1 
ATOM   297 O O   . ALA A 1 41 ? 9.248   4.557   -3.854  1.00 28.21 ? 140 ALA A O   1 
ATOM   298 C CB  . ALA A 1 41 ? 9.572   1.512   -2.504  1.00 25.12 ? 140 ALA A CB  1 
ATOM   299 N N   . LEU A 1 42 ? 7.289   3.530   -3.385  1.00 25.74 ? 141 LEU A N   1 
ATOM   300 C CA  . LEU A 1 42 ? 6.522   4.272   -4.397  1.00 26.67 ? 141 LEU A CA  1 
ATOM   301 C C   . LEU A 1 42 ? 6.458   5.778   -4.104  1.00 27.49 ? 141 LEU A C   1 
ATOM   302 O O   . LEU A 1 42 ? 6.581   6.605   -5.016  1.00 29.94 ? 141 LEU A O   1 
ATOM   303 C CB  . LEU A 1 42 ? 5.119   3.664   -4.568  1.00 25.81 ? 141 LEU A CB  1 
ATOM   304 C CG  . LEU A 1 42 ? 5.026   2.310   -5.283  1.00 25.96 ? 141 LEU A CG  1 
ATOM   305 C CD1 . LEU A 1 42 ? 3.763   1.564   -4.881  1.00 26.26 ? 141 LEU A CD1 1 
ATOM   306 C CD2 . LEU A 1 42 ? 5.099   2.472   -6.803  1.00 26.05 ? 141 LEU A CD2 1 
ATOM   307 N N   . ALA A 1 43 ? 6.301   6.131   -2.833  1.00 28.31 ? 142 ALA A N   1 
ATOM   308 C CA  . ALA A 1 43 ? 6.251   7.533   -2.396  1.00 30.74 ? 142 ALA A CA  1 
ATOM   309 C C   . ALA A 1 43 ? 7.559   8.287   -2.660  1.00 33.90 ? 142 ALA A C   1 
ATOM   310 O O   . ALA A 1 43 ? 7.558   9.417   -3.178  1.00 34.34 ? 142 ALA A O   1 
ATOM   311 C CB  . ALA A 1 43 ? 5.889   7.611   -0.919  1.00 30.41 ? 142 ALA A CB  1 
ATOM   312 N N   . VAL A 1 44 ? 8.666   7.655   -2.278  1.00 35.45 ? 143 VAL A N   1 
ATOM   313 C CA  . VAL A 1 44 ? 10.007  8.205   -2.468  1.00 37.46 ? 143 VAL A CA  1 
ATOM   314 C C   . VAL A 1 44 ? 10.290  8.533   -3.942  1.00 39.50 ? 143 VAL A C   1 
ATOM   315 O O   . VAL A 1 44 ? 10.799  9.617   -4.259  1.00 41.82 ? 143 VAL A O   1 
ATOM   316 C CB  . VAL A 1 44 ? 11.064  7.239   -1.887  1.00 35.73 ? 143 VAL A CB  1 
ATOM   317 C CG1 . VAL A 1 44 ? 12.427  7.486   -2.495  1.00 37.47 ? 143 VAL A CG1 1 
ATOM   318 C CG2 . VAL A 1 44 ? 11.109  7.358   -0.370  1.00 36.51 ? 143 VAL A CG2 1 
ATOM   319 N N   . GLN A 1 45 ? 9.942   7.613   -4.839  1.00 40.35 ? 144 GLN A N   1 
ATOM   320 C CA  . GLN A 1 45 ? 10.209  7.818   -6.257  1.00 44.22 ? 144 GLN A CA  1 
ATOM   321 C C   . GLN A 1 45 ? 9.265   8.844   -6.898  1.00 46.91 ? 144 GLN A C   1 
ATOM   322 O O   . GLN A 1 45 ? 9.633   9.527   -7.860  1.00 47.39 ? 144 GLN A O   1 
ATOM   323 C CB  . GLN A 1 45 ? 10.221  6.489   -7.019  1.00 45.75 ? 144 GLN A CB  1 
ATOM   324 C CG  . GLN A 1 45 ? 8.876   5.838   -7.263  1.00 47.05 ? 144 GLN A CG  1 
ATOM   325 C CD  . GLN A 1 45 ? 9.028   4.466   -7.893  1.00 49.19 ? 144 GLN A CD  1 
ATOM   326 O OE1 . GLN A 1 45 ? 9.530   3.534   -7.264  1.00 50.86 ? 144 GLN A OE1 1 
ATOM   327 N NE2 . GLN A 1 45 ? 8.607   4.337   -9.145  1.00 49.65 ? 144 GLN A NE2 1 
ATOM   328 N N   . LEU A 1 46 ? 8.059   8.961   -6.348  1.00 46.60 ? 145 LEU A N   1 
ATOM   329 C CA  . LEU A 1 46 ? 7.108   9.961   -6.809  1.00 45.90 ? 145 LEU A CA  1 
ATOM   330 C C   . LEU A 1 46 ? 7.497   11.365  -6.336  1.00 43.21 ? 145 LEU A C   1 
ATOM   331 O O   . LEU A 1 46 ? 7.120   12.357  -6.956  1.00 46.80 ? 145 LEU A O   1 
ATOM   332 C CB  . LEU A 1 46 ? 5.704   9.597   -6.324  1.00 48.16 ? 145 LEU A CB  1 
ATOM   333 C CG  . LEU A 1 46 ? 4.461   10.186  -6.990  1.00 50.90 ? 145 LEU A CG  1 
ATOM   334 C CD1 . LEU A 1 46 ? 4.404   9.870   -8.480  1.00 52.96 ? 145 LEU A CD1 1 
ATOM   335 C CD2 . LEU A 1 46 ? 3.232   9.625   -6.286  1.00 50.78 ? 145 LEU A CD2 1 
ATOM   336 N N   . THR A 1 47 ? 8.263   11.448  -5.249  1.00 40.17 ? 146 THR A N   1 
ATOM   337 C CA  . THR A 1 47 ? 8.636   12.740  -4.666  1.00 39.02 ? 146 THR A CA  1 
ATOM   338 C C   . THR A 1 47 ? 10.134  13.073  -4.781  1.00 37.77 ? 146 THR A C   1 
ATOM   339 O O   . THR A 1 47 ? 10.596  14.082  -4.221  1.00 37.45 ? 146 THR A O   1 
ATOM   340 C CB  . THR A 1 47 ? 8.209   12.843  -3.183  1.00 38.99 ? 146 THR A CB  1 
ATOM   341 O OG1 . THR A 1 47 ? 8.837   11.799  -2.427  1.00 39.25 ? 146 THR A OG1 1 
ATOM   342 C CG2 . THR A 1 47 ? 6.692   12.738  -3.040  1.00 39.50 ? 146 THR A CG2 1 
ATOM   343 N N   . GLN A 1 48 ? 10.889  12.235  -5.489  1.00 35.94 ? 147 GLN A N   1 
ATOM   344 C CA  . GLN A 1 48 ? 12.324  12.473  -5.656  1.00 34.66 ? 147 GLN A CA  1 
ATOM   345 C C   . GLN A 1 48 ? 12.567  13.789  -6.398  1.00 34.19 ? 147 GLN A C   1 
ATOM   346 O O   . GLN A 1 48 ? 12.007  14.027  -7.475  1.00 33.17 ? 147 GLN A O   1 
ATOM   347 C CB  . GLN A 1 48 ? 12.999  11.312  -6.396  1.00 33.99 ? 147 GLN A CB  1 
ATOM   348 C CG  . GLN A 1 48 ? 14.519  11.327  -6.308  1.00 33.49 ? 147 GLN A CG  1 
ATOM   349 C CD  . GLN A 1 48 ? 15.174  10.386  -7.298  1.00 34.90 ? 147 GLN A CD  1 
ATOM   350 O OE1 . GLN A 1 48 ? 14.518  9.501   -7.853  1.00 36.05 ? 147 GLN A OE1 1 
ATOM   351 N NE2 . GLN A 1 48 ? 16.473  10.573  -7.531  1.00 34.52 ? 147 GLN A NE2 1 
ATOM   352 N N   . ARG A 1 49 ? 13.378  14.645  -5.788  1.00 34.57 ? 148 ARG A N   1 
ATOM   353 C CA  . ARG A 1 49 ? 13.841  15.874  -6.417  1.00 36.64 ? 148 ARG A CA  1 
ATOM   354 C C   . ARG A 1 49 ? 15.207  15.617  -7.051  1.00 33.08 ? 148 ARG A C   1 
ATOM   355 O O   . ARG A 1 49 ? 15.951  14.743  -6.588  1.00 31.35 ? 148 ARG A O   1 
ATOM   356 C CB  . ARG A 1 49 ? 13.951  16.999  -5.377  1.00 41.11 ? 148 ARG A CB  1 
ATOM   357 C CG  . ARG A 1 49 ? 12.640  17.354  -4.693  1.00 46.51 ? 148 ARG A CG  1 
ATOM   358 C CD  . ARG A 1 49 ? 12.408  18.859  -4.711  1.00 53.96 ? 148 ARG A CD  1 
ATOM   359 N NE  . ARG A 1 49 ? 12.922  19.546  -3.526  1.00 59.75 ? 148 ARG A NE  1 
ATOM   360 C CZ  . ARG A 1 49 ? 12.176  20.264  -2.683  1.00 63.85 ? 148 ARG A CZ  1 
ATOM   361 N NH1 . ARG A 1 49 ? 10.867  20.403  -2.883  1.00 65.76 ? 148 ARG A NH1 1 
ATOM   362 N NH2 . ARG A 1 49 ? 12.741  20.852  -1.635  1.00 65.71 ? 148 ARG A NH2 1 
ATOM   363 N N   . GLU A 1 50 ? 15.556  16.363  -8.097  1.00 31.49 ? 149 GLU A N   1 
ATOM   364 C CA  . GLU A 1 50 ? 16.905  16.218  -8.656  1.00 30.58 ? 149 GLU A CA  1 
ATOM   365 C C   . GLU A 1 50 ? 17.941  16.507  -7.555  1.00 30.89 ? 149 GLU A C   1 
ATOM   366 O O   . GLU A 1 50 ? 17.722  17.381  -6.701  1.00 29.74 ? 149 GLU A O   1 
ATOM   367 C CB  . GLU A 1 50 ? 17.108  17.112  -9.886  1.00 32.23 ? 149 GLU A CB  1 
ATOM   368 C CG  . GLU A 1 50 ? 17.447  18.555  -9.559  1.00 32.39 ? 149 GLU A CG  1 
ATOM   369 C CD  . GLU A 1 50 ? 18.027  19.317  -10.740 1.00 33.24 ? 149 GLU A CD  1 
ATOM   370 O OE1 . GLU A 1 50 ? 18.459  20.469  -10.530 1.00 33.22 ? 149 GLU A OE1 1 
ATOM   371 O OE2 . GLU A 1 50 ? 18.037  18.783  -11.872 1.00 32.27 ? 149 GLU A OE2 1 
ATOM   372 N N   . GLY A 1 51 ? 19.040  15.753  -7.552  1.00 29.88 ? 150 GLY A N   1 
ATOM   373 C CA  . GLY A 1 51 ? 20.056  15.880  -6.510  1.00 30.51 ? 150 GLY A CA  1 
ATOM   374 C C   . GLY A 1 51 ? 19.825  14.979  -5.304  1.00 32.87 ? 150 GLY A C   1 
ATOM   375 O O   . GLY A 1 51 ? 20.632  14.972  -4.366  1.00 32.23 ? 150 GLY A O   1 
ATOM   376 N N   . GLU A 1 52 ? 18.728  14.218  -5.332  1.00 32.77 ? 151 GLU A N   1 
ATOM   377 C CA  . GLU A 1 52 ? 18.439  13.220  -4.294  1.00 35.86 ? 151 GLU A CA  1 
ATOM   378 C C   . GLU A 1 52 ? 18.613  11.815  -4.868  1.00 35.82 ? 151 GLU A C   1 
ATOM   379 O O   . GLU A 1 52 ? 19.078  10.921  -4.170  1.00 38.66 ? 151 GLU A O   1 
ATOM   380 C CB  . GLU A 1 52 ? 17.023  13.388  -3.729  1.00 36.03 ? 151 GLU A CB  1 
ATOM   381 C CG  . GLU A 1 52 ? 16.703  14.783  -3.208  1.00 38.13 ? 151 GLU A CG  1 
ATOM   382 C CD  . GLU A 1 52 ? 15.289  14.915  -2.668  1.00 40.36 ? 151 GLU A CD  1 
ATOM   383 O OE1 . GLU A 1 52 ? 14.429  14.061  -2.975  1.00 41.54 ? 151 GLU A OE1 1 
ATOM   384 O OE2 . GLU A 1 52 ? 15.029  15.889  -1.936  1.00 43.14 ? 151 GLU A OE2 1 
ATOM   385 N N   . ALA B 1 1  ? 13.859  4.469   -9.951  1.00 49.70 ? 100 ALA B N   1 
ATOM   386 C CA  . ALA B 1 1  ? 12.570  4.919   -10.551 1.00 48.84 ? 100 ALA B CA  1 
ATOM   387 C C   . ALA B 1 1  ? 12.433  4.538   -12.033 1.00 48.77 ? 100 ALA B C   1 
ATOM   388 O O   . ALA B 1 1  ? 12.419  5.408   -12.915 1.00 47.36 ? 100 ALA B O   1 
ATOM   389 C CB  . ALA B 1 1  ? 12.394  6.420   -10.359 1.00 47.84 ? 100 ALA B CB  1 
ATOM   390 N N   . THR B 1 2  ? 12.342  3.235   -12.297 1.00 47.37 ? 101 THR B N   1 
ATOM   391 C CA  . THR B 1 2  ? 11.955  2.736   -13.623 1.00 47.19 ? 101 THR B CA  1 
ATOM   392 C C   . THR B 1 2  ? 10.462  2.346   -13.630 1.00 46.21 ? 101 THR B C   1 
ATOM   393 O O   . THR B 1 2  ? 9.830   2.259   -12.575 1.00 44.13 ? 101 THR B O   1 
ATOM   394 C CB  . THR B 1 2  ? 12.814  1.525   -14.073 1.00 48.05 ? 101 THR B CB  1 
ATOM   395 O OG1 . THR B 1 2  ? 12.602  0.420   -13.183 1.00 48.45 ? 101 THR B OG1 1 
ATOM   396 C CG2 . THR B 1 2  ? 14.306  1.876   -14.119 1.00 47.93 ? 101 THR B CG2 1 
ATOM   397 N N   . SER B 1 3  ? 9.905   2.117   -14.820 1.00 45.54 ? 102 SER B N   1 
ATOM   398 C CA  . SER B 1 3  ? 8.520   1.644   -14.943 1.00 42.31 ? 102 SER B CA  1 
ATOM   399 C C   . SER B 1 3  ? 8.391   0.194   -14.470 1.00 40.80 ? 102 SER B C   1 
ATOM   400 O O   . SER B 1 3  ? 7.387   -0.180  -13.863 1.00 40.33 ? 102 SER B O   1 
ATOM   401 C CB  . SER B 1 3  ? 8.012   1.799   -16.379 1.00 42.57 ? 102 SER B CB  1 
ATOM   402 O OG  . SER B 1 3  ? 6.599   1.731   -16.426 1.00 43.33 ? 102 SER B OG  1 
ATOM   403 N N   . LEU B 1 4  ? 9.420   -0.610  -14.740 1.00 40.52 ? 103 LEU B N   1 
ATOM   404 C CA  . LEU B 1 4  ? 9.481   -1.992  -14.268 1.00 40.52 ? 103 LEU B CA  1 
ATOM   405 C C   . LEU B 1 4  ? 9.444   -2.036  -12.744 1.00 39.40 ? 103 LEU B C   1 
ATOM   406 O O   . LEU B 1 4  ? 8.704   -2.833  -12.161 1.00 37.60 ? 103 LEU B O   1 
ATOM   407 C CB  . LEU B 1 4  ? 10.758  -2.677  -14.762 1.00 42.32 ? 103 LEU B CB  1 
ATOM   408 C CG  . LEU B 1 4  ? 10.719  -4.154  -15.183 1.00 44.77 ? 103 LEU B CG  1 
ATOM   409 C CD1 . LEU B 1 4  ? 12.101  -4.591  -15.663 1.00 46.14 ? 103 LEU B CD1 1 
ATOM   410 C CD2 . LEU B 1 4  ? 10.210  -5.099  -14.098 1.00 43.89 ? 103 LEU B CD2 1 
ATOM   411 N N   . GLU B 1 5  ? 10.241  -1.180  -12.103 1.00 38.80 ? 104 GLU B N   1 
ATOM   412 C CA  . GLU B 1 5  ? 10.279  -1.124  -10.638 1.00 39.20 ? 104 GLU B CA  1 
ATOM   413 C C   . GLU B 1 5  ? 8.912   -0.736  -10.081 1.00 38.17 ? 104 GLU B C   1 
ATOM   414 O O   . GLU B 1 5  ? 8.376   -1.416  -9.204  1.00 37.49 ? 104 GLU B O   1 
ATOM   415 C CB  . GLU B 1 5  ? 11.364  -0.161  -10.153 1.00 40.58 ? 104 GLU B CB  1 
ATOM   416 C CG  . GLU B 1 5  ? 12.753  -0.781  -10.147 1.00 42.72 ? 104 GLU B CG  1 
ATOM   417 C CD  . GLU B 1 5  ? 13.844  0.238   -9.896  1.00 43.80 ? 104 GLU B CD  1 
ATOM   418 O OE1 . GLU B 1 5  ? 13.799  0.917   -8.847  1.00 45.35 ? 104 GLU B OE1 1 
ATOM   419 O OE2 . GLU B 1 5  ? 14.754  0.344   -10.740 1.00 42.61 ? 104 GLU B OE2 1 
ATOM   420 N N   . LYS B 1 6  ? 8.359   0.345   -10.627 1.00 36.25 ? 105 LYS B N   1 
ATOM   421 C CA  . LYS B 1 6  ? 7.026   0.844   -10.299 1.00 35.78 ? 105 LYS B CA  1 
ATOM   422 C C   . LYS B 1 6  ? 5.960   -0.264  -10.325 1.00 34.05 ? 105 LYS B C   1 
ATOM   423 O O   . LYS B 1 6  ? 5.229   -0.442  -9.344  1.00 31.10 ? 105 LYS B O   1 
ATOM   424 C CB  . LYS B 1 6  ? 6.671   1.960   -11.283 1.00 38.70 ? 105 LYS B CB  1 
ATOM   425 C CG  . LYS B 1 6  ? 5.470   2.816   -10.928 1.00 41.73 ? 105 LYS B CG  1 
ATOM   426 C CD  . LYS B 1 6  ? 5.402   4.049   -11.824 1.00 45.02 ? 105 LYS B CD  1 
ATOM   427 C CE  . LYS B 1 6  ? 6.633   4.941   -11.658 1.00 46.76 ? 105 LYS B CE  1 
ATOM   428 N NZ  . LYS B 1 6  ? 6.790   5.946   -12.752 1.00 49.76 ? 105 LYS B NZ  1 
ATOM   429 N N   . HIS B 1 7  ? 5.892   -1.001  -11.440 1.00 32.99 ? 106 HIS B N   1 
ATOM   430 C CA  . HIS B 1 7  ? 4.918   -2.093  -11.634 1.00 31.88 ? 106 HIS B CA  1 
ATOM   431 C C   . HIS B 1 7  ? 5.127   -3.259  -10.708 1.00 28.46 ? 106 HIS B C   1 
ATOM   432 O O   . HIS B 1 7  ? 4.159   -3.895  -10.274 1.00 27.72 ? 106 HIS B O   1 
ATOM   433 C CB  . HIS B 1 7  ? 4.946   -2.594  -13.075 1.00 34.49 ? 106 HIS B CB  1 
ATOM   434 C CG  . HIS B 1 7  ? 4.393   -1.608  -14.074 1.00 38.31 ? 106 HIS B CG  1 
ATOM   435 N ND1 . HIS B 1 7  ? 3.105   -1.209  -14.062 1.00 41.33 ? 106 HIS B ND1 1 
ATOM   436 C CD2 . HIS B 1 7  ? 5.000   -0.952  -15.143 1.00 41.14 ? 106 HIS B CD2 1 
ATOM   437 C CE1 . HIS B 1 7  ? 2.898   -0.337  -15.069 1.00 42.76 ? 106 HIS B CE1 1 
ATOM   438 N NE2 . HIS B 1 7  ? 4.061   -0.179  -15.727 1.00 42.16 ? 106 HIS B NE2 1 
ATOM   439 N N   . VAL B 1 8  ? 6.389   -3.573  -10.419 1.00 26.10 ? 107 VAL B N   1 
ATOM   440 C CA  . VAL B 1 8  ? 6.702   -4.662  -9.493  1.00 25.39 ? 107 VAL B CA  1 
ATOM   441 C C   . VAL B 1 8  ? 6.218   -4.289  -8.086  1.00 24.45 ? 107 VAL B C   1 
ATOM   442 O O   . VAL B 1 8  ? 5.621   -5.118  -7.373  1.00 23.18 ? 107 VAL B O   1 
ATOM   443 C CB  . VAL B 1 8  ? 8.203   -5.046  -9.528  1.00 25.56 ? 107 VAL B CB  1 
ATOM   444 C CG1 . VAL B 1 8  ? 8.638   -5.757  -8.253  1.00 25.51 ? 107 VAL B CG1 1 
ATOM   445 C CG2 . VAL B 1 8  ? 8.494   -5.930  -10.736 1.00 26.26 ? 107 VAL B CG2 1 
ATOM   446 N N   . LEU B 1 9  ? 6.453   -3.038  -7.703  1.00 23.87 ? 108 LEU B N   1 
ATOM   447 C CA  . LEU B 1 9  ? 6.061   -2.566  -6.380  1.00 22.70 ? 108 LEU B CA  1 
ATOM   448 C C   . LEU B 1 9  ? 4.548   -2.601  -6.219  1.00 22.43 ? 108 LEU B C   1 
ATOM   449 O O   . LEU B 1 9  ? 4.049   -3.034  -5.184  1.00 20.40 ? 108 LEU B O   1 
ATOM   450 C CB  . LEU B 1 9  ? 6.609   -1.161  -6.120  1.00 23.73 ? 108 LEU B CB  1 
ATOM   451 C CG  . LEU B 1 9  ? 8.135   -0.997  -6.098  1.00 23.78 ? 108 LEU B CG  1 
ATOM   452 C CD1 . LEU B 1 9  ? 8.516   0.476   -6.053  1.00 25.37 ? 108 LEU B CD1 1 
ATOM   453 C CD2 . LEU B 1 9  ? 8.762   -1.767  -4.940  1.00 23.29 ? 108 LEU B CD2 1 
ATOM   454 N N   . LEU B 1 10 ? 3.823   -2.162  -7.252  1.00 22.68 ? 109 LEU B N   1 
ATOM   455 C CA  . LEU B 1 10 ? 2.350   -2.157  -7.226  1.00 23.88 ? 109 LEU B CA  1 
ATOM   456 C C   . LEU B 1 10 ? 1.737   -3.568  -7.199  1.00 23.08 ? 109 LEU B C   1 
ATOM   457 O O   . LEU B 1 10 ? 0.718   -3.813  -6.537  1.00 21.31 ? 109 LEU B O   1 
ATOM   458 C CB  . LEU B 1 10 ? 1.791   -1.346  -8.408  1.00 25.10 ? 109 LEU B CB  1 
ATOM   459 C CG  . LEU B 1 10 ? 1.993   0.167   -8.360  1.00 25.72 ? 109 LEU B CG  1 
ATOM   460 C CD1 . LEU B 1 10 ? 1.914   0.739   -9.769  1.00 28.04 ? 109 LEU B CD1 1 
ATOM   461 C CD2 . LEU B 1 10 ? 1.012   0.866   -7.422  1.00 26.79 ? 109 LEU B CD2 1 
ATOM   462 N N   . LYS B 1 11 ? 2.369   -4.496  -7.914  1.00 23.69 ? 110 LYS B N   1 
ATOM   463 C CA  . LYS B 1 11 ? 1.971   -5.899  -7.886  1.00 24.42 ? 110 LYS B CA  1 
ATOM   464 C C   . LYS B 1 11 ? 2.166   -6.539  -6.491  1.00 23.74 ? 110 LYS B C   1 
ATOM   465 O O   . LYS B 1 11 ? 1.268   -7.203  -5.975  1.00 21.97 ? 110 LYS B O   1 
ATOM   466 C CB  . LYS B 1 11 ? 2.754   -6.679  -8.954  1.00 27.87 ? 110 LYS B CB  1 
ATOM   467 C CG  . LYS B 1 11 ? 2.609   -8.201  -8.883  1.00 31.40 ? 110 LYS B CG  1 
ATOM   468 C CD  . LYS B 1 11 ? 3.608   -8.935  -9.787  1.00 34.91 ? 110 LYS B CD  1 
ATOM   469 C CE  . LYS B 1 11 ? 5.061   -8.793  -9.319  1.00 37.56 ? 110 LYS B CE  1 
ATOM   470 N NZ  . LYS B 1 11 ? 5.489   -9.797  -8.296  1.00 37.34 ? 110 LYS B NZ  1 
ATOM   471 N N   . LYS B 1 12 ? 3.347   -6.345  -5.908  1.00 22.94 ? 111 LYS B N   1 
ATOM   472 C CA  . LYS B 1 12 ? 3.664   -6.842  -4.563  1.00 22.16 ? 111 LYS B CA  1 
ATOM   473 C C   . LYS B 1 12 ? 2.696   -6.252  -3.523  1.00 20.65 ? 111 LYS B C   1 
ATOM   474 O O   . LYS B 1 12 ? 2.266   -6.941  -2.586  1.00 19.12 ? 111 LYS B O   1 
ATOM   475 C CB  . LYS B 1 12 ? 5.103   -6.487  -4.174  1.00 23.41 ? 111 LYS B CB  1 
ATOM   476 C CG  . LYS B 1 12 ? 6.197   -7.275  -4.887  1.00 25.48 ? 111 LYS B CG  1 
ATOM   477 C CD  . LYS B 1 12 ? 6.567   -8.526  -4.124  1.00 27.13 ? 111 LYS B CD  1 
ATOM   478 C CE  . LYS B 1 12 ? 7.590   -9.335  -4.902  1.00 27.88 ? 111 LYS B CE  1 
ATOM   479 N NZ  . LYS B 1 12 ? 8.032   -10.490 -4.082  1.00 29.98 ? 111 LYS B NZ  1 
ATOM   480 N N   . LEU B 1 13 ? 2.364   -4.981  -3.716  1.00 19.45 ? 112 LEU B N   1 
ATOM   481 C CA  . LEU B 1 13 ? 1.463   -4.263  -2.828  1.00 19.28 ? 112 LEU B CA  1 
ATOM   482 C C   . LEU B 1 13 ? 0.074   -4.891  -2.901  1.00 19.75 ? 112 LEU B C   1 
ATOM   483 O O   . LEU B 1 13 ? -0.505  -5.232  -1.864  1.00 19.85 ? 112 LEU B O   1 
ATOM   484 C CB  . LEU B 1 13 ? 1.440   -2.767  -3.194  1.00 19.53 ? 112 LEU B CB  1 
ATOM   485 C CG  . LEU B 1 13 ? 0.476   -1.803  -2.481  1.00 19.06 ? 112 LEU B CG  1 
ATOM   486 C CD1 . LEU B 1 13 ? 0.655   -1.850  -0.971  1.00 18.20 ? 112 LEU B CD1 1 
ATOM   487 C CD2 . LEU B 1 13 ? 0.646   -0.367  -2.971  1.00 19.43 ? 112 LEU B CD2 1 
ATOM   488 N N   . ARG B 1 14 ? -0.442  -5.069  -4.119  1.00 19.19 ? 113 ARG B N   1 
ATOM   489 C CA  . ARG B 1 14 ? -1.735  -5.725  -4.323  1.00 20.74 ? 113 ARG B CA  1 
ATOM   490 C C   . ARG B 1 14 ? -1.791  -7.132  -3.721  1.00 19.28 ? 113 ARG B C   1 
ATOM   491 O O   . ARG B 1 14 ? -2.769  -7.482  -3.059  1.00 18.79 ? 113 ARG B O   1 
ATOM   492 C CB  . ARG B 1 14 ? -2.093  -5.780  -5.819  1.00 22.71 ? 113 ARG B CB  1 
ATOM   493 C CG  . ARG B 1 14 ? -3.244  -6.729  -6.140  1.00 26.00 ? 113 ARG B CG  1 
ATOM   494 C CD  . ARG B 1 14 ? -3.194  -7.277  -7.565  1.00 28.93 ? 113 ARG B CD  1 
ATOM   495 N NE  . ARG B 1 14 ? -3.922  -6.421  -8.496  1.00 33.67 ? 113 ARG B NE  1 
ATOM   496 C CZ  . ARG B 1 14 ? -4.153  -6.710  -9.784  1.00 35.57 ? 113 ARG B CZ  1 
ATOM   497 N NH1 . ARG B 1 14 ? -3.705  -7.846  -10.312 1.00 35.24 ? 113 ARG B NH1 1 
ATOM   498 N NH2 . ARG B 1 14 ? -4.832  -5.854  -10.545 1.00 34.33 ? 113 ARG B NH2 1 
ATOM   499 N N   . ASP B 1 15 ? -0.754  -7.933  -3.979  1.00 19.20 ? 114 ASP B N   1 
ATOM   500 C CA  . ASP B 1 15 ? -0.695  -9.325  -3.518  1.00 19.76 ? 114 ASP B CA  1 
ATOM   501 C C   . ASP B 1 15 ? -0.645  -9.455  -1.984  1.00 18.92 ? 114 ASP B C   1 
ATOM   502 O O   . ASP B 1 15 ? -1.249  -10.366 -1.405  1.00 18.62 ? 114 ASP B O   1 
ATOM   503 C CB  . ASP B 1 15 ? 0.509   -10.039 -4.135  1.00 21.20 ? 114 ASP B CB  1 
ATOM   504 C CG  . ASP B 1 15 ? 0.329   -10.327 -5.624  1.00 22.74 ? 114 ASP B CG  1 
ATOM   505 O OD1 . ASP B 1 15 ? -0.705  -9.960  -6.213  1.00 23.20 ? 114 ASP B OD1 1 
ATOM   506 O OD2 . ASP B 1 15 ? 1.258   -10.908 -6.205  1.00 26.21 ? 114 ASP B OD2 1 
ATOM   507 N N   . ALA B 1 16 ? 0.090   -8.553  -1.338  1.00 18.40 ? 115 ALA B N   1 
ATOM   508 C CA  . ALA B 1 16 ? 0.192   -8.548  0.115   1.00 19.07 ? 115 ALA B CA  1 
ATOM   509 C C   . ALA B 1 16 ? -1.187  -8.323  0.758   1.00 18.53 ? 115 ALA B C   1 
ATOM   510 O O   . ALA B 1 16 ? -1.606  -9.056  1.661   1.00 20.30 ? 115 ALA B O   1 
ATOM   511 C CB  . ALA B 1 16 ? 1.174   -7.475  0.559   1.00 18.64 ? 115 ALA B CB  1 
ATOM   512 N N   . LEU B 1 17 ? -1.893  -7.306  0.274   1.00 17.61 ? 116 LEU B N   1 
ATOM   513 C CA  . LEU B 1 17 ? -3.223  -6.958  0.775   1.00 18.40 ? 116 LEU B CA  1 
ATOM   514 C C   . LEU B 1 17 ? -4.275  -8.004  0.445   1.00 18.84 ? 116 LEU B C   1 
ATOM   515 O O   . LEU B 1 17 ? -5.131  -8.290  1.269   1.00 18.67 ? 116 LEU B O   1 
ATOM   516 C CB  . LEU B 1 17 ? -3.657  -5.597  0.249   1.00 18.08 ? 116 LEU B CB  1 
ATOM   517 C CG  . LEU B 1 17 ? -2.819  -4.424  0.767   1.00 18.78 ? 116 LEU B CG  1 
ATOM   518 C CD1 . LEU B 1 17 ? -3.443  -3.133  0.273   1.00 19.17 ? 116 LEU B CD1 1 
ATOM   519 C CD2 . LEU B 1 17 ? -2.744  -4.430  2.295   1.00 20.13 ? 116 LEU B CD2 1 
ATOM   520 N N   . GLU B 1 18 ? -4.199  -8.582  -0.747  1.00 19.48 ? 117 GLU B N   1 
ATOM   521 C CA  . GLU B 1 18 ? -5.102  -9.668  -1.117  1.00 21.78 ? 117 GLU B CA  1 
ATOM   522 C C   . GLU B 1 18 ? -5.035  -10.874 -0.157  1.00 21.55 ? 117 GLU B C   1 
ATOM   523 O O   . GLU B 1 18 ? -6.064  -11.500 0.133   1.00 21.02 ? 117 GLU B O   1 
ATOM   524 C CB  . GLU B 1 18 ? -4.835  -10.084 -2.572  1.00 24.07 ? 117 GLU B CB  1 
ATOM   525 C CG  . GLU B 1 18 ? -5.776  -11.139 -3.119  1.00 28.30 ? 117 GLU B CG  1 
ATOM   526 C CD  . GLU B 1 18 ? -7.216  -10.661 -3.205  1.00 30.35 ? 117 GLU B CD  1 
ATOM   527 O OE1 . GLU B 1 18 ? -7.450  -9.446  -3.386  1.00 31.68 ? 117 GLU B OE1 1 
ATOM   528 O OE2 . GLU B 1 18 ? -8.120  -11.520 -3.105  1.00 34.44 ? 117 GLU B OE2 1 
ATOM   529 N N   . SER B 1 19 ? -3.831  -11.179 0.341   1.00 21.11 ? 118 SER B N   1 
ATOM   530 C CA  . SER B 1 19 ? -3.609  -12.248 1.330   1.00 21.81 ? 118 SER B CA  1 
ATOM   531 C C   . SER B 1 19 ? -4.398  -12.034 2.622   1.00 21.24 ? 118 SER B C   1 
ATOM   532 O O   . SER B 1 19 ? -4.750  -12.997 3.303   1.00 20.67 ? 118 SER B O   1 
ATOM   533 C CB  . SER B 1 19 ? -2.124  -12.358 1.680   1.00 22.48 ? 118 SER B CB  1 
ATOM   534 O OG  . SER B 1 19 ? -1.384  -12.847 0.583   1.00 23.68 ? 118 SER B OG  1 
ATOM   535 N N   . LEU B 1 20 ? -4.664  -10.774 2.953   1.00 19.99 ? 119 LEU B N   1 
ATOM   536 C CA  . LEU B 1 20 ? -5.421  -10.436 4.163   1.00 20.96 ? 119 LEU B CA  1 
ATOM   537 C C   . LEU B 1 20 ? -6.908  -10.769 4.070   1.00 20.74 ? 119 LEU B C   1 
ATOM   538 O O   . LEU B 1 20 ? -7.560  -10.972 5.099   1.00 20.14 ? 119 LEU B O   1 
ATOM   539 C CB  . LEU B 1 20 ? -5.249  -8.959  4.515   1.00 20.26 ? 119 LEU B CB  1 
ATOM   540 C CG  . LEU B 1 20 ? -3.840  -8.419  4.772   1.00 21.23 ? 119 LEU B CG  1 
ATOM   541 C CD1 . LEU B 1 20 ? -3.936  -6.915  4.968   1.00 21.63 ? 119 LEU B CD1 1 
ATOM   542 C CD2 . LEU B 1 20 ? -3.209  -9.069  5.989   1.00 21.29 ? 119 LEU B CD2 1 
ATOM   543 N N   . ARG B 1 21 ? -7.444  -10.835 2.851   1.00 21.74 ? 120 ARG B N   1 
ATOM   544 C CA  . ARG B 1 21 ? -8.865  -11.133 2.640   1.00 22.47 ? 120 ARG B CA  1 
ATOM   545 C C   . ARG B 1 21 ? -9.231  -12.496 3.226   1.00 22.64 ? 120 ARG B C   1 
ATOM   546 O O   . ARG B 1 21 ? -8.562  -13.491 2.960   1.00 22.83 ? 120 ARG B O   1 
ATOM   547 C CB  . ARG B 1 21 ? -9.215  -11.107 1.145   1.00 24.20 ? 120 ARG B CB  1 
ATOM   548 C CG  . ARG B 1 21 ? -9.385  -9.731  0.534   1.00 25.32 ? 120 ARG B CG  1 
ATOM   549 C CD  . ARG B 1 21 ? -10.252 -9.828  -0.719  1.00 27.13 ? 120 ARG B CD  1 
ATOM   550 N NE  . ARG B 1 21 ? -10.826 -8.539  -1.090  1.00 28.49 ? 120 ARG B NE  1 
ATOM   551 C CZ  . ARG B 1 21 ? -10.685 -7.961  -2.281  1.00 29.64 ? 120 ARG B CZ  1 
ATOM   552 N NH1 . ARG B 1 21 ? -9.997  -8.566  -3.237  1.00 32.25 ? 120 ARG B NH1 1 
ATOM   553 N NH2 . ARG B 1 21 ? -11.244 -6.780  -2.523  1.00 30.80 ? 120 ARG B NH2 1 
ATOM   554 N N   . GLY B 1 22 ? -10.279 -12.528 4.048   1.00 23.10 ? 121 GLY B N   1 
ATOM   555 C CA  . GLY B 1 22 ? -10.710 -13.754 4.721   1.00 23.02 ? 121 GLY B CA  1 
ATOM   556 C C   . GLY B 1 22 ? -9.843  -14.162 5.908   1.00 21.98 ? 121 GLY B C   1 
ATOM   557 O O   . GLY B 1 22 ? -10.156 -15.139 6.585   1.00 23.15 ? 121 GLY B O   1 
ATOM   558 N N   . ARG B 1 23 ? -8.774  -13.398 6.174   1.00 21.82 ? 122 ARG B N   1 
ATOM   559 C CA  . ARG B 1 23 ? -7.818  -13.686 7.251   1.00 22.06 ? 122 ARG B CA  1 
ATOM   560 C C   . ARG B 1 23 ? -7.854  -12.725 8.444   1.00 22.33 ? 122 ARG B C   1 
ATOM   561 O O   . ARG B 1 23 ? -7.344  -13.039 9.521   1.00 22.55 ? 122 ARG B O   1 
ATOM   562 C CB  . ARG B 1 23 ? -6.391  -13.719 6.702   1.00 21.85 ? 122 ARG B CB  1 
ATOM   563 C CG  . ARG B 1 23 ? -6.148  -14.877 5.761   1.00 21.17 ? 122 ARG B CG  1 
ATOM   564 C CD  . ARG B 1 23 ? -4.679  -15.215 5.766   1.00 21.78 ? 122 ARG B CD  1 
ATOM   565 N NE  . ARG B 1 23 ? -4.410  -16.545 5.225   1.00 20.11 ? 122 ARG B NE  1 
ATOM   566 C CZ  . ARG B 1 23 ? -4.066  -16.782 3.969   1.00 21.70 ? 122 ARG B CZ  1 
ATOM   567 N NH1 . ARG B 1 23 ? -3.977  -15.780 3.088   1.00 21.83 ? 122 ARG B NH1 1 
ATOM   568 N NH2 . ARG B 1 23 ? -3.824  -18.035 3.580   1.00 22.63 ? 122 ARG B NH2 1 
ATOM   569 N N   . VAL B 1 24 ? -8.425  -11.546 8.258   1.00 22.34 ? 123 VAL B N   1 
ATOM   570 C CA  . VAL B 1 24 ? -8.557  -10.619 9.385   1.00 22.87 ? 123 VAL B CA  1 
ATOM   571 C C   . VAL B 1 24 ? -9.893  -10.813 10.106  1.00 24.16 ? 123 VAL B C   1 
ATOM   572 O O   . VAL B 1 24 ? -10.838 -11.347 9.528   1.00 24.71 ? 123 VAL B O   1 
ATOM   573 C CB  . VAL B 1 24 ? -8.397  -9.159  8.936   1.00 21.33 ? 123 VAL B CB  1 
ATOM   574 C CG1 . VAL B 1 24 ? -7.012  -8.952  8.352   1.00 21.06 ? 123 VAL B CG1 1 
ATOM   575 C CG2 . VAL B 1 24 ? -9.478  -8.763  7.943   1.00 21.80 ? 123 VAL B CG2 1 
ATOM   576 N N   . ALA B 1 25 ? -9.970  -10.370 11.360  1.00 24.38 ? 124 ALA B N   1 
ATOM   577 C CA  . ALA B 1 25 ? -11.233 -10.338 12.094  1.00 25.56 ? 124 ALA B CA  1 
ATOM   578 C C   . ALA B 1 25 ? -12.262 -9.439  11.392  1.00 27.03 ? 124 ALA B C   1 
ATOM   579 O O   . ALA B 1 25 ? -11.904 -8.555  10.584  1.00 27.28 ? 124 ALA B O   1 
ATOM   580 C CB  . ALA B 1 25 ? -11.004 -9.871  13.528  1.00 24.89 ? 124 ALA B CB  1 
ATOM   581 N N   . GLY B 1 26 ? -13.537 -9.669  11.702  1.00 26.62 ? 125 GLY B N   1 
ATOM   582 C CA  . GLY B 1 26 ? -14.645 -8.911  11.121  1.00 27.42 ? 125 GLY B CA  1 
ATOM   583 C C   . GLY B 1 26 ? -14.461 -7.406  11.144  1.00 27.26 ? 125 GLY B C   1 
ATOM   584 O O   . GLY B 1 26 ? -14.703 -6.734  10.149  1.00 28.66 ? 125 GLY B O   1 
ATOM   585 N N   . ARG B 1 27 ? -14.011 -6.884  12.280  1.00 26.85 ? 126 ARG B N   1 
ATOM   586 C CA  . ARG B 1 27 ? -13.877 -5.443  12.491  1.00 26.07 ? 126 ARG B CA  1 
ATOM   587 C C   . ARG B 1 27 ? -12.774 -4.777  11.658  1.00 24.44 ? 126 ARG B C   1 
ATOM   588 O O   . ARG B 1 27 ? -12.705 -3.559  11.575  1.00 24.59 ? 126 ARG B O   1 
ATOM   589 C CB  . ARG B 1 27 ? -13.641 -5.165  13.974  1.00 27.58 ? 126 ARG B CB  1 
ATOM   590 C CG  . ARG B 1 27 ? -12.401 -5.843  14.515  1.00 28.29 ? 126 ARG B CG  1 
ATOM   591 C CD  . ARG B 1 27 ? -12.109 -5.453  15.955  1.00 30.15 ? 126 ARG B CD  1 
ATOM   592 N NE  . ARG B 1 27 ? -10.715 -5.780  16.227  1.00 32.63 ? 126 ARG B NE  1 
ATOM   593 C CZ  . ARG B 1 27 ? -10.285 -6.988  16.556  1.00 32.54 ? 126 ARG B CZ  1 
ATOM   594 N NH1 . ARG B 1 27 ? -11.145 -7.989  16.700  1.00 33.62 ? 126 ARG B NH1 1 
ATOM   595 N NH2 . ARG B 1 27 ? -8.988  -7.193  16.749  1.00 34.56 ? 126 ARG B NH2 1 
ATOM   596 N N   . ASN B 1 28 ? -11.912 -5.588  11.056  1.00 23.53 ? 127 ASN B N   1 
ATOM   597 C CA  . ASN B 1 28 ? -10.870 -5.095  10.159  1.00 22.02 ? 127 ASN B CA  1 
ATOM   598 C C   . ASN B 1 28 ? -11.163 -5.327  8.675   1.00 22.64 ? 127 ASN B C   1 
ATOM   599 O O   . ASN B 1 28 ? -10.449 -4.804  7.822   1.00 20.70 ? 127 ASN B O   1 
ATOM   600 C CB  . ASN B 1 28 ? -9.525  -5.712  10.551  1.00 22.51 ? 127 ASN B CB  1 
ATOM   601 C CG  . ASN B 1 28 ? -9.046  -5.231  11.910  1.00 21.56 ? 127 ASN B CG  1 
ATOM   602 O OD1 . ASN B 1 28 ? -9.242  -4.072  12.260  1.00 22.84 ? 127 ASN B OD1 1 
ATOM   603 N ND2 . ASN B 1 28 ? -8.401  -6.107  12.666  1.00 21.11 ? 127 ASN B ND2 1 
ATOM   604 N N   . LYS B 1 29 ? -12.217 -6.093  8.375   1.00 22.93 ? 128 LYS B N   1 
ATOM   605 C CA  . LYS B 1 29 ? -12.563 -6.470  6.989   1.00 24.86 ? 128 LYS B CA  1 
ATOM   606 C C   . LYS B 1 29 ? -12.681 -5.261  6.075   1.00 24.53 ? 128 LYS B C   1 
ATOM   607 O O   . LYS B 1 29 ? -12.075 -5.226  5.002   1.00 22.78 ? 128 LYS B O   1 
ATOM   608 C CB  . LYS B 1 29 ? -13.882 -7.246  6.922   1.00 26.64 ? 128 LYS B CB  1 
ATOM   609 C CG  . LYS B 1 29 ? -13.917 -8.574  7.654   1.00 29.66 ? 128 LYS B CG  1 
ATOM   610 C CD  . LYS B 1 29 ? -12.767 -9.461  7.227   1.00 31.29 ? 128 LYS B CD  1 
ATOM   611 C CE  . LYS B 1 29 ? -12.938 -10.904 7.662   1.00 32.48 ? 128 LYS B CE  1 
ATOM   612 N NZ  . LYS B 1 29 ? -11.817 -11.723 7.115   1.00 30.79 ? 128 LYS B NZ  1 
ATOM   613 N N   . ASP B 1 30 ? -13.467 -4.272  6.502   1.00 24.31 ? 129 ASP B N   1 
ATOM   614 C CA  . ASP B 1 30 ? -13.739 -3.108  5.653   1.00 24.16 ? 129 ASP B CA  1 
ATOM   615 C C   . ASP B 1 30 ? -12.488 -2.291  5.392   1.00 23.19 ? 129 ASP B C   1 
ATOM   616 O O   . ASP B 1 30 ? -12.287 -1.793  4.276   1.00 22.96 ? 129 ASP B O   1 
ATOM   617 C CB  . ASP B 1 30 ? -14.859 -2.236  6.234   1.00 26.93 ? 129 ASP B CB  1 
ATOM   618 C CG  . ASP B 1 30 ? -16.238 -2.839  6.026   1.00 28.39 ? 129 ASP B CG  1 
ATOM   619 O OD1 . ASP B 1 30 ? -16.348 -3.979  5.518   1.00 29.88 ? 129 ASP B OD1 1 
ATOM   620 O OD2 . ASP B 1 30 ? -17.222 -2.169  6.375   1.00 31.25 ? 129 ASP B OD2 1 
ATOM   621 N N   . ASP B 1 31 ? -11.633 -2.186  6.399   1.00 22.13 ? 130 ASP B N   1 
ATOM   622 C CA  . ASP B 1 31 ? -10.336 -1.502  6.227   1.00 22.42 ? 130 ASP B CA  1 
ATOM   623 C C   . ASP B 1 31 ? -9.418  -2.177  5.213   1.00 20.30 ? 130 ASP B C   1 
ATOM   624 O O   . ASP B 1 31 ? -8.731  -1.503  4.467   1.00 19.32 ? 130 ASP B O   1 
ATOM   625 C CB  . ASP B 1 31 ? -9.613  -1.337  7.561   1.00 24.19 ? 130 ASP B CB  1 
ATOM   626 C CG  . ASP B 1 31 ? -10.374 -0.440  8.516   1.00 27.30 ? 130 ASP B CG  1 
ATOM   627 O OD1 . ASP B 1 31 ? -11.079 0.476   8.036   1.00 28.96 ? 130 ASP B OD1 1 
ATOM   628 O OD2 . ASP B 1 31 ? -10.280 -0.663  9.734   1.00 29.49 ? 130 ASP B OD2 1 
ATOM   629 N N   . VAL B 1 32 ? -9.414  -3.501  5.184   1.00 19.45 ? 131 VAL B N   1 
ATOM   630 C CA  . VAL B 1 32 ? -8.659  -4.225  4.153   1.00 20.18 ? 131 VAL B CA  1 
ATOM   631 C C   . VAL B 1 32 ? -9.225  -3.920  2.754   1.00 20.58 ? 131 VAL B C   1 
ATOM   632 O O   . VAL B 1 32 ? -8.466  -3.641  1.815   1.00 20.02 ? 131 VAL B O   1 
ATOM   633 C CB  . VAL B 1 32 ? -8.590  -5.748  4.451   1.00 20.41 ? 131 VAL B CB  1 
ATOM   634 C CG1 . VAL B 1 32 ? -8.046  -6.525  3.257   1.00 20.30 ? 131 VAL B CG1 1 
ATOM   635 C CG2 . VAL B 1 32 ? -7.723  -6.005  5.684   1.00 19.80 ? 131 VAL B CG2 1 
ATOM   636 N N   . GLU B 1 33 ? -10.554 -3.952  2.631   1.00 21.31 ? 132 GLU B N   1 
ATOM   637 C CA  . GLU B 1 33 ? -11.247 -3.627  1.380   1.00 21.36 ? 132 GLU B CA  1 
ATOM   638 C C   . GLU B 1 33 ? -10.915 -2.218  0.881   1.00 20.60 ? 132 GLU B C   1 
ATOM   639 O O   . GLU B 1 33 ? -10.646 -2.010  -0.306  1.00 18.80 ? 132 GLU B O   1 
ATOM   640 C CB  . GLU B 1 33 ? -12.756 -3.788  1.554   1.00 23.02 ? 132 GLU B CB  1 
ATOM   641 C CG  . GLU B 1 33 ? -13.199 -5.227  1.791   1.00 25.19 ? 132 GLU B CG  1 
ATOM   642 C CD  . GLU B 1 33 ? -12.870 -6.138  0.626   1.00 27.44 ? 132 GLU B CD  1 
ATOM   643 O OE1 . GLU B 1 33 ? -13.047 -5.720  -0.538  1.00 29.85 ? 132 GLU B OE1 1 
ATOM   644 O OE2 . GLU B 1 33 ? -12.436 -7.281  0.874   1.00 30.47 ? 132 GLU B OE2 1 
ATOM   645 N N   . GLU B 1 34 ? -10.930 -1.257  1.801   1.00 21.31 ? 133 GLU B N   1 
ATOM   646 C CA  . GLU B 1 34 ? -10.573 0.125   1.484   1.00 20.32 ? 133 GLU B CA  1 
ATOM   647 C C   . GLU B 1 34 ? -9.155  0.249   0.916   1.00 20.23 ? 133 GLU B C   1 
ATOM   648 O O   . GLU B 1 34 ? -8.946  0.927   -0.096  1.00 20.12 ? 133 GLU B O   1 
ATOM   649 C CB  . GLU B 1 34 ? -10.718 1.024   2.728   1.00 21.67 ? 133 GLU B CB  1 
ATOM   650 C CG  . GLU B 1 34 ? -10.509 2.503   2.429   1.00 22.61 ? 133 GLU B CG  1 
ATOM   651 C CD  . GLU B 1 34 ? -9.977  3.311   3.616   1.00 24.86 ? 133 GLU B CD  1 
ATOM   652 O OE1 . GLU B 1 34 ? -9.865  2.769   4.729   1.00 25.74 ? 133 GLU B OE1 1 
ATOM   653 O OE2 . GLU B 1 34 ? -9.634  4.496   3.421   1.00 25.63 ? 133 GLU B OE2 1 
ATOM   654 N N   . ALA B 1 35 ? -8.186  -0.371  1.587   1.00 19.52 ? 134 ALA B N   1 
ATOM   655 C CA  . ALA B 1 35 ? -6.795  -0.327  1.143   1.00 19.70 ? 134 ALA B CA  1 
ATOM   656 C C   . ALA B 1 35 ? -6.652  -0.994  -0.237  1.00 19.52 ? 134 ALA B C   1 
ATOM   657 O O   . ALA B 1 35 ? -5.970  -0.458  -1.114  1.00 18.92 ? 134 ALA B O   1 
ATOM   658 C CB  . ALA B 1 35 ? -5.876  -0.969  2.176   1.00 18.47 ? 134 ALA B CB  1 
ATOM   659 N N   . ILE B 1 36 ? -7.324  -2.127  -0.442  1.00 19.24 ? 135 ILE B N   1 
ATOM   660 C CA  . ILE B 1 36 ? -7.254  -2.809  -1.758  1.00 20.11 ? 135 ILE B CA  1 
ATOM   661 C C   . ILE B 1 36 ? -7.770  -1.898  -2.881  1.00 19.87 ? 135 ILE B C   1 
ATOM   662 O O   . ILE B 1 36 ? -7.114  -1.745  -3.926  1.00 20.12 ? 135 ILE B O   1 
ATOM   663 C CB  . ILE B 1 36 ? -7.968  -4.184  -1.752  1.00 20.36 ? 135 ILE B CB  1 
ATOM   664 C CG1 . ILE B 1 36 ? -7.117  -5.205  -0.987  1.00 20.72 ? 135 ILE B CG1 1 
ATOM   665 C CG2 . ILE B 1 36 ? -8.239  -4.673  -3.179  1.00 20.61 ? 135 ILE B CG2 1 
ATOM   666 C CD1 . ILE B 1 36 ? -7.859  -6.464  -0.576  1.00 20.09 ? 135 ILE B CD1 1 
ATOM   667 N N   . ALA B 1 37 ? -8.923  -1.276  -2.646  1.00 19.78 ? 136 ALA B N   1 
ATOM   668 C CA  . ALA B 1 37 ? -9.498  -0.299  -3.573  1.00 19.99 ? 136 ALA B CA  1 
ATOM   669 C C   . ALA B 1 37 ? -8.568  0.880   -3.849  1.00 20.21 ? 136 ALA B C   1 
ATOM   670 O O   . ALA B 1 37 ? -8.432  1.312   -5.002  1.00 19.99 ? 136 ALA B O   1 
ATOM   671 C CB  . ALA B 1 37 ? -10.853 0.187   -3.069  1.00 20.34 ? 136 ALA B CB  1 
ATOM   672 N N   . MET B 1 38 ? -7.909  1.403   -2.817  1.00 19.72 ? 137 MET B N   1 
ATOM   673 C CA  . MET B 1 38 ? -6.925  2.474   -3.034  1.00 19.56 ? 137 MET B CA  1 
ATOM   674 C C   . MET B 1 38 ? -5.758  2.025   -3.925  1.00 20.12 ? 137 MET B C   1 
ATOM   675 O O   . MET B 1 38 ? -5.320  2.761   -4.809  1.00 20.40 ? 137 MET B O   1 
ATOM   676 C CB  . MET B 1 38 ? -6.406  3.029   -1.695  1.00 21.06 ? 137 MET B CB  1 
ATOM   677 C CG  . MET B 1 38 ? -7.505  3.643   -0.834  1.00 22.39 ? 137 MET B CG  1 
ATOM   678 S SD  . MET B 1 38 ? -7.038  3.999   0.880   1.00 25.70 ? 137 MET B SD  1 
ATOM   679 C CE  . MET B 1 38 ? -6.586  5.686   0.642   1.00 21.52 ? 137 MET B CE  1 
ATOM   680 N N   . VAL B 1 39 ? -5.256  0.821   -3.685  1.00 19.86 ? 138 VAL B N   1 
ATOM   681 C CA  . VAL B 1 39 ? -4.139  0.283   -4.462  1.00 21.25 ? 138 VAL B CA  1 
ATOM   682 C C   . VAL B 1 39 ? -4.498  0.133   -5.951  1.00 23.04 ? 138 VAL B C   1 
ATOM   683 O O   . VAL B 1 39 ? -3.704  0.494   -6.827  1.00 23.77 ? 138 VAL B O   1 
ATOM   684 C CB  . VAL B 1 39 ? -3.645  -1.051  -3.868  1.00 19.78 ? 138 VAL B CB  1 
ATOM   685 C CG1 . VAL B 1 39 ? -2.650  -1.727  -4.809  1.00 20.28 ? 138 VAL B CG1 1 
ATOM   686 C CG2 . VAL B 1 39 ? -2.986  -0.791  -2.517  1.00 19.43 ? 138 VAL B CG2 1 
ATOM   687 N N   . GLU B 1 40 ? -5.693  -0.385  -6.224  1.00 25.62 ? 139 GLU B N   1 
ATOM   688 C CA  . GLU B 1 40 ? -6.158  -0.540  -7.609  1.00 29.22 ? 139 GLU B CA  1 
ATOM   689 C C   . GLU B 1 40 ? -6.278  0.819   -8.304  1.00 28.63 ? 139 GLU B C   1 
ATOM   690 O O   . GLU B 1 40 ? -5.882  0.954   -9.466  1.00 29.87 ? 139 GLU B O   1 
ATOM   691 C CB  . GLU B 1 40 ? -7.462  -1.341  -7.674  1.00 32.25 ? 139 GLU B CB  1 
ATOM   692 C CG  . GLU B 1 40 ? -8.079  -1.489  -9.066  1.00 38.41 ? 139 GLU B CG  1 
ATOM   693 C CD  . GLU B 1 40 ? -7.334  -2.454  -9.994  1.00 42.69 ? 139 GLU B CD  1 
ATOM   694 O OE1 . GLU B 1 40 ? -7.910  -2.821  -11.045 1.00 46.03 ? 139 GLU B OE1 1 
ATOM   695 O OE2 . GLU B 1 40 ? -6.182  -2.855  -9.697  1.00 44.82 ? 139 GLU B OE2 1 
ATOM   696 N N   . ALA B 1 41 ? -6.784  1.822   -7.584  1.00 27.00 ? 140 ALA B N   1 
ATOM   697 C CA  . ALA B 1 41 ? -6.891  3.183   -8.116  1.00 26.94 ? 140 ALA B CA  1 
ATOM   698 C C   . ALA B 1 41 ? -5.530  3.777   -8.412  1.00 27.88 ? 140 ALA B C   1 
ATOM   699 O O   . ALA B 1 41 ? -5.348  4.457   -9.422  1.00 29.60 ? 140 ALA B O   1 
ATOM   700 C CB  . ALA B 1 41 ? -7.659  4.080   -7.161  1.00 25.96 ? 140 ALA B CB  1 
ATOM   701 N N   . LEU B 1 42 ? -4.575  3.510   -7.526  1.00 27.83 ? 141 LEU B N   1 
ATOM   702 C CA  . LEU B 1 42 ? -3.200  3.956   -7.674  1.00 29.46 ? 141 LEU B CA  1 
ATOM   703 C C   . LEU B 1 42 ? -2.544  3.299   -8.893  1.00 31.02 ? 141 LEU B C   1 
ATOM   704 O O   . LEU B 1 42 ? -1.800  3.947   -9.636  1.00 32.17 ? 141 LEU B O   1 
ATOM   705 C CB  . LEU B 1 42 ? -2.440  3.602   -6.392  1.00 30.33 ? 141 LEU B CB  1 
ATOM   706 C CG  . LEU B 1 42 ? -1.332  4.445   -5.765  1.00 32.62 ? 141 LEU B CG  1 
ATOM   707 C CD1 . LEU B 1 42 ? -1.546  5.946   -5.898  1.00 31.73 ? 141 LEU B CD1 1 
ATOM   708 C CD2 . LEU B 1 42 ? -1.258  4.033   -4.305  1.00 31.90 ? 141 LEU B CD2 1 
ATOM   709 N N   . ALA B 1 43 ? -2.834  2.014   -9.096  1.00 31.21 ? 142 ALA B N   1 
ATOM   710 C CA  . ALA B 1 43 ? -2.331  1.272   -10.253 1.00 33.20 ? 142 ALA B CA  1 
ATOM   711 C C   . ALA B 1 43 ? -2.913  1.816   -11.566 1.00 35.02 ? 142 ALA B C   1 
ATOM   712 O O   . ALA B 1 43 ? -2.167  2.105   -12.504 1.00 34.28 ? 142 ALA B O   1 
ATOM   713 C CB  . ALA B 1 43 ? -2.629  -0.214  -10.101 1.00 31.89 ? 142 ALA B CB  1 
ATOM   714 N N   . VAL B 1 44 ? -4.237  1.965   -11.619 1.00 35.95 ? 143 VAL B N   1 
ATOM   715 C CA  . VAL B 1 44 ? -4.913  2.498   -12.808 1.00 39.91 ? 143 VAL B CA  1 
ATOM   716 C C   . VAL B 1 44 ? -4.412  3.900   -13.140 1.00 43.08 ? 143 VAL B C   1 
ATOM   717 O O   . VAL B 1 44 ? -4.224  4.230   -14.314 1.00 46.07 ? 143 VAL B O   1 
ATOM   718 C CB  . VAL B 1 44 ? -6.453  2.506   -12.671 1.00 38.78 ? 143 VAL B CB  1 
ATOM   719 C CG1 . VAL B 1 44 ? -7.097  3.180   -13.879 1.00 40.44 ? 143 VAL B CG1 1 
ATOM   720 C CG2 . VAL B 1 44 ? -6.991  1.092   -12.519 1.00 38.41 ? 143 VAL B CG2 1 
ATOM   721 N N   . GLN B 1 45 ? -4.185  4.713   -12.113 1.00 44.41 ? 144 GLN B N   1 
ATOM   722 C CA  . GLN B 1 45 ? -3.637  6.050   -12.307 1.00 47.64 ? 144 GLN B CA  1 
ATOM   723 C C   . GLN B 1 45 ? -2.328  6.050   -13.081 1.00 53.00 ? 144 GLN B C   1 
ATOM   724 O O   . GLN B 1 45 ? -2.023  7.023   -13.774 1.00 56.64 ? 144 GLN B O   1 
ATOM   725 C CB  . GLN B 1 45 ? -3.421  6.753   -10.972 1.00 46.01 ? 144 GLN B CB  1 
ATOM   726 C CG  . GLN B 1 45 ? -4.634  7.517   -10.475 1.00 46.34 ? 144 GLN B CG  1 
ATOM   727 C CD  . GLN B 1 45 ? -4.345  8.286   -9.205  1.00 46.70 ? 144 GLN B CD  1 
ATOM   728 O OE1 . GLN B 1 45 ? -3.208  8.317   -8.731  1.00 48.18 ? 144 GLN B OE1 1 
ATOM   729 N NE2 . GLN B 1 45 ? -5.373  8.911   -8.645  1.00 46.86 ? 144 GLN B NE2 1 
ATOM   730 N N   . LEU B 1 46 ? -1.561  4.967   -12.964 1.00 57.06 ? 145 LEU B N   1 
ATOM   731 C CA  . LEU B 1 46 ? -0.227  4.902   -13.567 1.00 59.68 ? 145 LEU B CA  1 
ATOM   732 C C   . LEU B 1 46 ? -0.135  4.044   -14.833 1.00 62.61 ? 145 LEU B C   1 
ATOM   733 O O   . LEU B 1 46 ? 0.962   3.729   -15.295 1.00 64.67 ? 145 LEU B O   1 
ATOM   734 C CB  . LEU B 1 46 ? 0.817   4.472   -12.525 1.00 62.62 ? 145 LEU B CB  1 
ATOM   735 C CG  . LEU B 1 46 ? 1.389   5.514   -11.543 1.00 63.68 ? 145 LEU B CG  1 
ATOM   736 C CD1 . LEU B 1 46 ? 2.105   6.652   -12.267 1.00 65.64 ? 145 LEU B CD1 1 
ATOM   737 C CD2 . LEU B 1 46 ? 0.344   6.058   -10.574 1.00 62.34 ? 145 LEU B CD2 1 
ATOM   738 N N   . THR B 1 47 ? -1.287  3.669   -15.386 1.00 64.13 ? 146 THR B N   1 
ATOM   739 C CA  . THR B 1 47 ? -1.349  2.997   -16.688 1.00 65.01 ? 146 THR B CA  1 
ATOM   740 C C   . THR B 1 47 ? -2.033  3.892   -17.720 1.00 65.55 ? 146 THR B C   1 
ATOM   741 O O   . THR B 1 47 ? -2.665  4.894   -17.373 1.00 66.40 ? 146 THR B O   1 
ATOM   742 C CB  . THR B 1 47 ? -2.086  1.641   -16.624 1.00 64.58 ? 146 THR B CB  1 
ATOM   743 O OG1 . THR B 1 47 ? -3.352  1.811   -15.979 1.00 67.97 ? 146 THR B OG1 1 
ATOM   744 C CG2 . THR B 1 47 ? -1.270  0.609   -15.864 1.00 62.84 ? 146 THR B CG2 1 
HETATM 745 O O   . HOH C 2 .  ? -4.974  -10.170 11.971  1.00 10.80 ? 201 HOH A O   1 
HETATM 746 O O   . HOH C 2 .  ? 7.107   -7.987  8.937   1.00 17.81 ? 202 HOH A O   1 
HETATM 747 O O   . HOH C 2 .  ? 10.544  2.927   7.225   1.00 34.74 ? 203 HOH A O   1 
HETATM 748 O O   . HOH C 2 .  ? -3.212  14.781  -5.017  1.00 33.48 ? 204 HOH A O   1 
HETATM 749 O O   . HOH C 2 .  ? 9.692   -8.111  2.269   1.00 25.23 ? 205 HOH A O   1 
HETATM 750 O O   . HOH C 2 .  ? -1.173  11.898  7.754   1.00 30.84 ? 206 HOH A O   1 
HETATM 751 O O   . HOH C 2 .  ? 1.857   -9.906  16.093  1.00 37.84 ? 207 HOH A O   1 
HETATM 752 O O   . HOH C 2 .  ? -6.026  7.153   7.996   1.00 35.50 ? 208 HOH A O   1 
HETATM 753 O O   . HOH C 2 .  ? -7.016  1.327   8.109   1.00 19.72 ? 209 HOH A O   1 
HETATM 754 O O   . HOH C 2 .  ? 10.219  12.405  -9.304  1.00 45.10 ? 210 HOH A O   1 
HETATM 755 O O   . HOH C 2 .  ? 0.922   -13.579 2.314   1.00 24.74 ? 211 HOH A O   1 
HETATM 756 O O   . HOH C 2 .  ? 12.204  9.131   -9.350  1.00 43.08 ? 212 HOH A O   1 
HETATM 757 O O   . HOH C 2 .  ? 8.098   -10.011 11.728  1.00 33.15 ? 213 HOH A O   1 
HETATM 758 O O   . HOH C 2 .  ? 3.456   -10.188 1.095   1.00 46.93 ? 214 HOH A O   1 
HETATM 759 O O   . HOH C 2 .  ? -0.597  -4.931  15.836  1.00 27.46 ? 215 HOH A O   1 
HETATM 760 O O   . HOH C 2 .  ? -3.799  1.410   14.794  1.00 30.10 ? 216 HOH A O   1 
HETATM 761 O O   . HOH C 2 .  ? 5.071   -13.389 11.917  1.00 43.55 ? 217 HOH A O   1 
HETATM 762 O O   . HOH C 2 .  ? 4.270   -9.821  12.878  1.00 38.01 ? 218 HOH A O   1 
HETATM 763 O O   . HOH C 2 .  ? 8.443   10.671  0.269   1.00 43.27 ? 219 HOH A O   1 
HETATM 764 O O   . HOH C 2 .  ? -2.207  6.005   10.555  1.00 25.91 ? 220 HOH A O   1 
HETATM 765 O O   . HOH C 2 .  ? 13.606  18.415  -9.212  1.00 33.65 ? 221 HOH A O   1 
HETATM 766 O O   . HOH C 2 .  ? 14.218  20.679  -7.594  1.00 45.46 ? 222 HOH A O   1 
HETATM 767 O O   . HOH C 2 .  ? -6.874  10.374  8.176   1.00 27.65 ? 223 HOH A O   1 
HETATM 768 O O   . HOH C 2 .  ? 17.161  21.627  -8.537  1.00 30.75 ? 224 HOH A O   1 
HETATM 769 O O   . HOH C 2 .  ? -8.161  3.569   8.676   1.00 34.86 ? 225 HOH A O   1 
HETATM 770 O O   . HOH C 2 .  ? -8.992  4.486   11.103  1.00 47.24 ? 226 HOH A O   1 
HETATM 771 O O   . HOH C 2 .  ? 22.606  16.460  -3.496  1.00 42.28 ? 227 HOH A O   1 
HETATM 772 O O   . HOH C 2 .  ? 2.820   13.886  3.658   1.00 40.73 ? 228 HOH A O   1 
HETATM 773 O O   . HOH C 2 .  ? 4.224   3.654   3.986   1.00 33.57 ? 229 HOH A O   1 
HETATM 774 O O   . HOH D 2 .  ? -12.832 -2.354  9.016   1.00 25.56 ? 201 HOH B O   1 
HETATM 775 O O   . HOH D 2 .  ? -11.815 -10.317 4.617   1.00 22.13 ? 202 HOH B O   1 
HETATM 776 O O   . HOH D 2 .  ? -11.482 -7.560  3.585   1.00 26.92 ? 203 HOH B O   1 
HETATM 777 O O   . HOH D 2 .  ? -9.022  -17.806 7.264   1.00 27.11 ? 204 HOH B O   1 
HETATM 778 O O   . HOH D 2 .  ? -15.131 -4.304  9.005   1.00 24.71 ? 205 HOH B O   1 
HETATM 779 O O   . HOH D 2 .  ? -5.199  -6.190  -3.489  1.00 38.55 ? 206 HOH B O   1 
HETATM 780 O O   . HOH D 2 .  ? -8.661  5.094   6.226   1.00 37.40 ? 207 HOH B O   1 
HETATM 781 O O   . HOH D 2 .  ? 3.572   -9.209  -1.759  1.00 24.78 ? 208 HOH B O   1 
HETATM 782 O O   . HOH D 2 .  ? 11.423  -0.325  -16.942 1.00 35.03 ? 209 HOH B O   1 
HETATM 783 O O   . HOH D 2 .  ? -7.826  0.850   5.462   1.00 28.45 ? 210 HOH B O   1 
HETATM 784 O O   . HOH D 2 .  ? -10.493 1.327   -6.965  1.00 30.32 ? 211 HOH B O   1 
HETATM 785 O O   . HOH D 2 .  ? -1.328  -2.901  -8.338  1.00 29.59 ? 212 HOH B O   1 
HETATM 786 O O   . HOH D 2 .  ? 11.676  2.789   -17.064 1.00 39.67 ? 213 HOH B O   1 
HETATM 787 O O   . HOH D 2 .  ? -5.531  -3.700  -5.201  1.00 26.78 ? 214 HOH B O   1 
HETATM 788 O O   . HOH D 2 .  ? -13.840 -9.853  0.716   1.00 39.93 ? 215 HOH B O   1 
HETATM 789 O O   . HOH D 2 .  ? -14.254 -8.646  14.958  1.00 23.99 ? 216 HOH B O   1 
HETATM 790 O O   . HOH D 2 .  ? -14.692 -11.222 13.878  1.00 41.95 ? 217 HOH B O   1 
HETATM 791 O O   . HOH D 2 .  ? -11.266 2.549   10.304  1.00 43.75 ? 218 HOH B O   1 
HETATM 792 O O   . HOH D 2 .  ? 1.850   -3.989  -11.581 1.00 35.22 ? 219 HOH B O   1 
HETATM 793 O O   . HOH D 2 .  ? -7.539  -9.107  12.645  1.00 22.65 ? 220 HOH B O   1 
HETATM 794 O O   . HOH D 2 .  ? -4.120  -3.401  -7.682  1.00 30.36 ? 221 HOH B O   1 
HETATM 795 O O   . HOH D 2 .  ? -3.205  -11.120 -5.627  1.00 38.90 ? 222 HOH B O   1 
HETATM 796 O O   . HOH D 2 .  ? -2.176  -12.457 -2.818  1.00 26.96 ? 223 HOH B O   1 
HETATM 797 O O   . HOH D 2 .  ? -17.302 -5.262  12.682  1.00 28.87 ? 224 HOH B O   1 
HETATM 798 O O   . HOH D 2 .  ? -14.005 0.401   8.946   1.00 45.37 ? 225 HOH B O   1 
HETATM 799 O O   . HOH D 2 .  ? 13.939  -1.788  -13.858 1.00 41.47 ? 226 HOH B O   1 
HETATM 800 O O   . HOH D 2 .  ? 1.742   -11.669 -0.744  1.00 37.33 ? 227 HOH B O   1 
# 
